data_4YRZ
#
_entry.id   4YRZ
#
_cell.length_a   74.500
_cell.length_b   85.036
_cell.length_c   130.980
_cell.angle_alpha   90.00
_cell.angle_beta   90.00
_cell.angle_gamma   90.00
#
_symmetry.space_group_name_H-M   'P 21 21 21'
#
loop_
_entity.id
_entity.type
_entity.pdbx_description
1 polymer 'Autoinducer 2-binding periplasmic protein LuxP'
2 non-polymer L-xylulofuranose-1,2-borate
3 water water
#
_entity_poly.entity_id   1
_entity_poly.type   'polypeptide(L)'
_entity_poly.pdbx_seq_one_letter_code
;GSMVLNGYWGYQEFLDEFPEQRNLTNALSEAVRAQPVPLSKPTQRPIKISVVYPGQQVSDYWVRNIASFEKRLYKLNINY
QLNQVFTRPNADIKQQSLSLMEALKSKSDYLIFTLDTTRHRKFVEHVLDSTNTKLILQNITTPVREWDKHQPFLYVGFDH
AEGSRELATEFGKFFPKHTYYSVLYFSEGYISDVRGDTFIHQVNRDNNFELQSAYYTKATKQSGYDAAKASLAKHPDVDF
IYACSTDVALGAVDALAELGREDIMINGWGGGSAELDAIQKGDLDITVMRMNDDTGIAMAEAIKWDLEDKPVPTVYSGDF
EIVTKADSPERIEALKKRAFRYSDN
;
_entity_poly.pdbx_strand_id   A,B
#
loop_
_chem_comp.id
_chem_comp.type
_chem_comp.name
_chem_comp.formula
A2B non-polymer L-xylulofuranose-1,2-borate 'C5 H10 B O7 -1'
#
# COMPACT_ATOMS: atom_id res chain seq x y z
N ASN A 6 21.55 -29.02 -7.30
CA ASN A 6 22.46 -28.93 -8.43
C ASN A 6 22.68 -27.50 -8.93
N GLY A 7 23.89 -26.96 -8.73
CA GLY A 7 24.09 -25.53 -8.83
C GLY A 7 23.63 -24.86 -7.54
N TYR A 8 22.95 -25.64 -6.69
CA TYR A 8 22.43 -25.20 -5.40
C TYR A 8 23.17 -25.92 -4.30
N TRP A 9 23.35 -25.21 -3.19
CA TRP A 9 23.76 -25.80 -1.91
C TRP A 9 22.58 -26.42 -1.16
N GLY A 10 22.76 -27.56 -0.52
CA GLY A 10 21.75 -28.03 0.41
C GLY A 10 21.68 -27.04 1.56
N TYR A 11 20.50 -26.87 2.16
CA TYR A 11 20.33 -25.93 3.26
C TYR A 11 21.35 -26.21 4.37
N GLN A 12 21.33 -27.45 4.81
CA GLN A 12 22.16 -27.89 5.91
C GLN A 12 23.64 -27.97 5.47
N GLU A 13 23.86 -28.38 4.22
CA GLU A 13 25.19 -28.41 3.65
C GLU A 13 25.82 -27.04 3.69
N PHE A 14 25.03 -26.05 3.30
CA PHE A 14 25.46 -24.65 3.24
C PHE A 14 25.76 -24.12 4.63
N LEU A 15 24.86 -24.36 5.58
CA LEU A 15 25.17 -24.04 6.98
C LEU A 15 26.43 -24.75 7.52
N ASP A 16 26.63 -26.02 7.19
CA ASP A 16 27.86 -26.69 7.56
C ASP A 16 29.05 -25.96 6.96
N GLU A 17 29.04 -25.72 5.64
CA GLU A 17 30.22 -25.15 4.99
C GLU A 17 30.61 -23.79 5.59
N PHE A 18 29.64 -23.01 6.02
CA PHE A 18 29.91 -21.67 6.59
C PHE A 18 29.41 -21.50 8.01
N PRO A 19 30.25 -21.87 8.99
CA PRO A 19 29.85 -21.85 10.40
C PRO A 19 29.24 -20.51 10.83
N GLU A 20 29.85 -19.41 10.41
CA GLU A 20 29.38 -18.06 10.75
C GLU A 20 27.89 -17.95 10.37
N GLN A 21 27.56 -18.52 9.22
CA GLN A 21 26.17 -18.55 8.73
C GLN A 21 25.26 -19.38 9.64
N ARG A 22 25.77 -20.52 10.11
CA ARG A 22 24.98 -21.38 10.98
C ARG A 22 24.66 -20.67 12.26
N ASN A 23 25.63 -19.89 12.71
CA ASN A 23 25.41 -19.04 13.85
C ASN A 23 24.36 -18.00 13.60
N LEU A 24 24.52 -17.20 12.55
CA LEU A 24 23.52 -16.19 12.23
C LEU A 24 22.10 -16.76 12.04
N THR A 25 21.98 -17.86 11.34
CA THR A 25 20.70 -18.48 11.17
C THR A 25 20.13 -18.97 12.51
N ASN A 26 20.94 -19.64 13.31
CA ASN A 26 20.50 -20.03 14.66
C ASN A 26 20.08 -18.87 15.58
N ALA A 27 20.83 -17.77 15.48
CA ALA A 27 20.53 -16.57 16.22
C ALA A 27 19.17 -16.09 15.77
N LEU A 28 18.98 -16.08 14.45
CA LEU A 28 17.70 -15.66 13.89
C LEU A 28 16.55 -16.55 14.36
N SER A 29 16.72 -17.87 14.33
CA SER A 29 15.66 -18.74 14.81
C SER A 29 15.35 -18.44 16.27
N GLU A 30 16.38 -18.25 17.08
CA GLU A 30 16.12 -17.77 18.43
C GLU A 30 15.34 -16.43 18.45
N ALA A 31 15.71 -15.47 17.61
CA ALA A 31 14.98 -14.21 17.54
C ALA A 31 13.53 -14.38 17.03
N VAL A 32 13.27 -15.41 16.22
CA VAL A 32 11.90 -15.75 15.82
C VAL A 32 11.08 -16.39 16.93
N ARG A 33 11.67 -17.35 17.65
CA ARG A 33 10.97 -18.02 18.73
C ARG A 33 10.65 -17.05 19.87
N ALA A 34 11.51 -16.06 20.03
CA ALA A 34 11.49 -15.20 21.20
C ALA A 34 10.47 -14.08 21.07
N GLN A 35 10.19 -13.43 22.19
CA GLN A 35 9.28 -12.30 22.17
C GLN A 35 9.87 -11.15 21.34
N PRO A 36 9.00 -10.32 20.74
CA PRO A 36 9.49 -9.17 19.98
C PRO A 36 10.36 -8.28 20.84
N VAL A 37 11.45 -7.82 20.24
CA VAL A 37 12.35 -6.87 20.88
C VAL A 37 12.43 -5.72 19.89
N PRO A 38 11.77 -4.61 20.21
CA PRO A 38 11.73 -3.47 19.29
C PRO A 38 13.07 -2.97 18.76
N LEU A 39 13.01 -2.04 17.82
CA LEU A 39 14.17 -1.57 17.09
C LEU A 39 15.10 -0.71 17.92
N SER A 40 16.36 -1.15 18.02
CA SER A 40 17.39 -0.43 18.79
C SER A 40 17.71 0.92 18.17
N LYS A 41 17.85 0.95 16.84
CA LYS A 41 18.38 2.11 16.13
C LYS A 41 17.29 2.83 15.32
N PRO A 42 17.01 4.11 15.62
CA PRO A 42 15.91 4.81 14.90
C PRO A 42 16.16 5.05 13.43
N THR A 43 15.15 5.52 12.70
CA THR A 43 15.32 5.75 11.27
C THR A 43 15.20 7.22 10.96
N GLN A 44 15.67 7.61 9.78
CA GLN A 44 15.46 8.94 9.23
C GLN A 44 14.10 9.04 8.56
N ARG A 45 13.62 7.92 8.03
CA ARG A 45 12.35 7.92 7.31
C ARG A 45 11.75 6.51 7.27
N PRO A 46 10.50 6.38 6.82
CA PRO A 46 9.89 5.06 6.76
C PRO A 46 10.57 4.26 5.67
N ILE A 47 10.73 2.97 5.85
CA ILE A 47 11.34 2.17 4.80
C ILE A 47 10.31 1.63 3.80
N LYS A 48 10.72 1.54 2.56
CA LYS A 48 9.83 1.16 1.49
C LYS A 48 10.09 -0.27 1.06
N ILE A 49 9.05 -1.10 1.13
CA ILE A 49 9.17 -2.51 0.86
C ILE A 49 8.25 -2.91 -0.26
N SER A 50 8.76 -3.66 -1.21
CA SER A 50 7.94 -4.14 -2.31
C SER A 50 7.71 -5.64 -2.17
N VAL A 51 6.54 -6.10 -2.56
CA VAL A 51 6.24 -7.52 -2.59
C VAL A 51 5.62 -7.93 -3.91
N VAL A 52 6.29 -8.82 -4.61
CA VAL A 52 5.71 -9.38 -5.79
C VAL A 52 5.35 -10.78 -5.49
N TYR A 53 4.06 -11.05 -5.33
CA TYR A 53 3.63 -12.42 -5.04
C TYR A 53 2.72 -12.99 -6.11
N PRO A 54 2.56 -14.32 -6.11
CA PRO A 54 1.58 -14.96 -6.99
C PRO A 54 0.22 -14.86 -6.33
N GLY A 55 -0.82 -14.66 -7.13
CA GLY A 55 -2.13 -14.45 -6.56
C GLY A 55 -3.07 -15.60 -6.82
N GLN A 56 -4.24 -15.52 -6.20
CA GLN A 56 -5.34 -16.42 -6.49
C GLN A 56 -4.86 -17.86 -6.45
N GLN A 57 -4.37 -18.27 -5.30
CA GLN A 57 -4.02 -19.65 -5.12
C GLN A 57 -4.90 -20.18 -4.02
N VAL A 58 -5.13 -21.50 -4.00
CA VAL A 58 -5.86 -22.11 -2.90
C VAL A 58 -4.99 -22.00 -1.62
N SER A 59 -3.68 -22.11 -1.82
CA SER A 59 -2.67 -22.05 -0.79
C SER A 59 -2.62 -20.66 -0.15
N ASP A 60 -2.69 -20.57 1.19
CA ASP A 60 -2.77 -19.28 1.90
C ASP A 60 -1.40 -18.85 2.39
N TYR A 61 -0.38 -19.55 1.91
CA TYR A 61 0.98 -19.30 2.39
C TYR A 61 1.42 -17.84 2.24
N TRP A 62 1.19 -17.27 1.06
CA TRP A 62 1.65 -15.94 0.69
C TRP A 62 0.96 -14.85 1.48
N VAL A 63 -0.37 -14.90 1.53
CA VAL A 63 -1.15 -13.92 2.29
C VAL A 63 -0.81 -14.02 3.78
N ARG A 64 -0.77 -15.23 4.31
CA ARG A 64 -0.36 -15.45 5.71
C ARG A 64 1.04 -14.92 5.97
N ASN A 65 1.95 -15.16 5.03
CA ASN A 65 3.30 -14.66 5.13
C ASN A 65 3.35 -13.19 5.33
N ILE A 66 2.72 -12.49 4.41
CA ILE A 66 2.65 -11.04 4.49
C ILE A 66 1.97 -10.56 5.77
N ALA A 67 0.88 -11.21 6.14
CA ALA A 67 0.19 -10.87 7.37
C ALA A 67 1.18 -10.90 8.56
N SER A 68 1.74 -12.08 8.83
CA SER A 68 2.61 -12.23 9.97
C SER A 68 3.77 -11.26 9.86
N PHE A 69 4.35 -11.15 8.67
CA PHE A 69 5.37 -10.12 8.37
C PHE A 69 5.01 -8.73 8.92
N GLU A 70 3.91 -8.16 8.41
CA GLU A 70 3.48 -6.82 8.81
C GLU A 70 3.25 -6.74 10.31
N LYS A 71 2.62 -7.75 10.87
CA LYS A 71 2.38 -7.73 12.30
C LYS A 71 3.70 -7.66 13.07
N ARG A 72 4.67 -8.45 12.64
CA ARG A 72 5.95 -8.39 13.29
C ARG A 72 6.56 -7.01 13.14
N LEU A 73 6.63 -6.48 11.93
CA LEU A 73 7.17 -5.13 11.80
C LEU A 73 6.51 -4.15 12.74
N TYR A 74 5.19 -4.21 12.89
CA TYR A 74 4.57 -3.33 13.87
C TYR A 74 5.11 -3.56 15.29
N LYS A 75 5.05 -4.80 15.76
CA LYS A 75 5.62 -5.12 17.03
C LYS A 75 7.06 -4.59 17.20
N LEU A 76 7.87 -4.54 16.13
CA LEU A 76 9.27 -4.12 16.26
C LEU A 76 9.47 -2.60 16.28
N ASN A 77 8.37 -1.88 16.17
CA ASN A 77 8.38 -0.42 15.96
C ASN A 77 9.16 -0.02 14.70
N ILE A 78 8.94 -0.75 13.62
CA ILE A 78 9.47 -0.39 12.31
C ILE A 78 8.40 0.25 11.44
N ASN A 79 8.77 1.40 10.89
CA ASN A 79 7.89 2.25 10.12
C ASN A 79 8.03 1.95 8.64
N TYR A 80 7.07 1.26 8.06
CA TYR A 80 7.19 0.82 6.68
C TYR A 80 6.04 1.22 5.81
N GLN A 81 6.35 1.32 4.52
CA GLN A 81 5.35 1.48 3.46
C GLN A 81 5.47 0.29 2.52
N LEU A 82 4.38 -0.44 2.38
CA LEU A 82 4.39 -1.70 1.67
C LEU A 82 3.68 -1.68 0.34
N ASN A 83 4.43 -1.74 -0.75
CA ASN A 83 3.86 -1.84 -2.08
C ASN A 83 3.67 -3.29 -2.57
N GLN A 84 2.40 -3.73 -2.58
CA GLN A 84 2.05 -5.06 -3.05
C GLN A 84 1.78 -5.13 -4.57
N VAL A 85 2.14 -6.26 -5.16
CA VAL A 85 1.77 -6.58 -6.53
C VAL A 85 1.52 -8.05 -6.62
N PHE A 86 0.48 -8.39 -7.38
CA PHE A 86 0.05 -9.76 -7.52
C PHE A 86 0.14 -10.12 -8.94
N THR A 87 0.59 -11.34 -9.17
CA THR A 87 0.59 -11.89 -10.50
C THR A 87 -0.67 -12.78 -10.74
N ARG A 88 -1.43 -12.46 -11.79
CA ARG A 88 -2.65 -13.22 -12.09
C ARG A 88 -2.18 -14.59 -12.56
N PRO A 89 -3.03 -15.63 -12.51
CA PRO A 89 -2.59 -16.88 -13.14
C PRO A 89 -3.30 -17.29 -14.46
N ASN A 90 -2.70 -18.24 -15.20
CA ASN A 90 -1.33 -18.68 -14.91
C ASN A 90 -0.35 -17.75 -15.60
N ALA A 91 0.21 -16.80 -14.84
CA ALA A 91 1.18 -15.86 -15.37
C ALA A 91 2.43 -16.59 -15.76
N ASP A 92 2.81 -16.34 -17.00
CA ASP A 92 4.00 -16.86 -17.63
C ASP A 92 5.20 -16.43 -16.78
N ILE A 93 6.32 -17.11 -16.90
CA ILE A 93 7.49 -16.63 -16.20
C ILE A 93 7.88 -15.25 -16.74
N LYS A 94 7.56 -15.02 -18.03
CA LYS A 94 7.86 -13.75 -18.65
C LYS A 94 7.06 -12.64 -18.01
N GLN A 95 5.77 -12.89 -17.78
CA GLN A 95 4.90 -11.96 -17.04
C GLN A 95 5.37 -11.75 -15.61
N GLN A 96 5.62 -12.82 -14.88
CA GLN A 96 6.12 -12.67 -13.53
C GLN A 96 7.34 -11.76 -13.56
N SER A 97 8.32 -12.02 -14.40
CA SER A 97 9.50 -11.17 -14.43
C SER A 97 9.21 -9.72 -14.89
N LEU A 98 8.24 -9.53 -15.75
CA LEU A 98 7.73 -8.17 -15.93
C LEU A 98 7.24 -7.51 -14.66
N SER A 99 6.36 -8.18 -13.91
CA SER A 99 5.89 -7.64 -12.63
C SER A 99 7.06 -7.30 -11.74
N LEU A 100 8.04 -8.18 -11.74
CA LEU A 100 9.28 -7.92 -11.03
C LEU A 100 10.01 -6.63 -11.46
N MET A 101 10.28 -6.46 -12.75
CA MET A 101 10.97 -5.25 -13.22
C MET A 101 10.17 -4.05 -12.83
N GLU A 102 8.85 -4.19 -12.91
CA GLU A 102 7.96 -3.10 -12.51
C GLU A 102 8.17 -2.75 -11.07
N ALA A 103 8.17 -3.73 -10.18
CA ALA A 103 8.44 -3.48 -8.78
C ALA A 103 9.83 -2.85 -8.55
N LEU A 104 10.85 -3.25 -9.28
CA LEU A 104 12.13 -2.56 -9.16
C LEU A 104 12.18 -1.05 -9.42
N LYS A 105 11.24 -0.50 -10.17
CA LYS A 105 11.27 0.93 -10.47
C LYS A 105 11.06 1.74 -9.19
N SER A 106 10.35 1.10 -8.25
CA SER A 106 9.96 1.71 -7.01
C SER A 106 11.16 2.13 -6.18
N LYS A 107 12.33 1.57 -6.52
CA LYS A 107 13.54 1.92 -5.81
C LYS A 107 13.31 1.78 -4.32
N SER A 108 12.73 0.64 -3.97
CA SER A 108 12.42 0.32 -2.59
C SER A 108 13.71 -0.04 -1.86
N ASP A 109 13.63 -0.12 -0.54
CA ASP A 109 14.76 -0.56 0.25
C ASP A 109 14.83 -2.09 0.25
N TYR A 110 13.68 -2.73 0.29
CA TYR A 110 13.63 -4.17 0.28
C TYR A 110 12.61 -4.66 -0.76
N LEU A 111 12.94 -5.78 -1.39
CA LEU A 111 12.03 -6.38 -2.35
C LEU A 111 11.89 -7.85 -2.12
N ILE A 112 10.69 -8.23 -1.69
CA ILE A 112 10.34 -9.62 -1.43
C ILE A 112 9.63 -10.25 -2.60
N PHE A 113 10.17 -11.36 -3.10
CA PHE A 113 9.53 -12.03 -4.21
C PHE A 113 9.92 -13.48 -4.37
N THR A 114 9.25 -14.14 -5.29
CA THR A 114 9.55 -15.49 -5.67
C THR A 114 9.64 -15.57 -7.19
N LEU A 115 10.61 -16.29 -7.70
CA LEU A 115 10.70 -16.54 -9.13
C LEU A 115 11.46 -17.86 -9.32
N ASP A 116 11.04 -18.67 -10.29
CA ASP A 116 11.70 -19.94 -10.56
C ASP A 116 13.10 -19.63 -10.95
N THR A 117 14.01 -20.25 -10.24
CA THR A 117 15.38 -19.82 -10.24
C THR A 117 16.32 -20.79 -10.97
N THR A 118 15.80 -21.89 -11.53
CA THR A 118 16.54 -22.60 -12.56
C THR A 118 16.16 -22.03 -13.93
N ARG A 119 14.89 -21.67 -14.14
CA ARG A 119 14.45 -21.18 -15.45
C ARG A 119 14.81 -19.72 -15.66
N HIS A 120 15.22 -19.07 -14.56
CA HIS A 120 15.56 -17.68 -14.64
C HIS A 120 16.70 -17.33 -13.73
N ARG A 121 17.68 -18.23 -13.68
CA ARG A 121 18.87 -18.08 -12.85
C ARG A 121 19.60 -16.76 -13.14
N LYS A 122 20.03 -16.62 -14.38
CA LYS A 122 20.89 -15.50 -14.71
C LYS A 122 20.17 -14.16 -14.71
N PHE A 123 18.88 -14.22 -15.00
CA PHE A 123 18.03 -13.05 -14.90
C PHE A 123 18.10 -12.47 -13.48
N VAL A 124 17.78 -13.31 -12.50
CA VAL A 124 17.84 -12.89 -11.10
C VAL A 124 19.24 -12.44 -10.72
N GLU A 125 20.25 -13.18 -11.15
CA GLU A 125 21.62 -12.75 -10.91
C GLU A 125 21.84 -11.31 -11.39
N HIS A 126 21.43 -11.01 -12.62
CA HIS A 126 21.65 -9.68 -13.19
C HIS A 126 20.85 -8.60 -12.46
N VAL A 127 19.65 -8.96 -12.02
CA VAL A 127 18.90 -8.09 -11.14
C VAL A 127 19.65 -7.79 -9.87
N LEU A 128 20.19 -8.83 -9.21
CA LEU A 128 21.03 -8.65 -8.00
C LEU A 128 22.14 -7.68 -8.23
N ASP A 129 22.89 -7.90 -9.30
CA ASP A 129 23.94 -6.96 -9.65
C ASP A 129 23.45 -5.52 -9.87
N SER A 130 22.29 -5.34 -10.53
CA SER A 130 21.77 -3.98 -10.82
C SER A 130 21.48 -3.07 -9.64
N THR A 131 20.66 -3.49 -8.67
CA THR A 131 20.15 -2.51 -7.73
C THR A 131 20.76 -2.56 -6.38
N ASN A 132 20.54 -1.47 -5.64
CA ASN A 132 20.82 -1.40 -4.21
C ASN A 132 19.67 -1.91 -3.38
N THR A 133 18.53 -2.13 -4.00
CA THR A 133 17.41 -2.72 -3.29
C THR A 133 17.89 -4.08 -2.78
N LYS A 134 17.55 -4.41 -1.55
CA LYS A 134 17.95 -5.71 -0.97
C LYS A 134 16.86 -6.73 -1.22
N LEU A 135 17.26 -7.88 -1.75
CA LEU A 135 16.32 -8.87 -2.20
C LEU A 135 16.01 -9.94 -1.17
N ILE A 136 14.74 -10.26 -1.04
CA ILE A 136 14.37 -11.44 -0.27
C ILE A 136 13.68 -12.43 -1.19
N LEU A 137 14.30 -13.60 -1.33
CA LEU A 137 13.75 -14.65 -2.17
C LEU A 137 12.95 -15.62 -1.35
N GLN A 138 11.67 -15.63 -1.59
CA GLN A 138 10.78 -16.48 -0.85
C GLN A 138 10.63 -17.82 -1.54
N ASN A 139 10.42 -18.84 -0.71
CA ASN A 139 10.14 -20.21 -1.17
C ASN A 139 11.39 -20.91 -1.75
N ILE A 140 12.57 -20.41 -1.40
CA ILE A 140 13.82 -21.10 -1.70
C ILE A 140 14.75 -21.02 -0.48
N THR A 141 15.25 -22.16 -0.01
CA THR A 141 16.11 -22.17 1.17
C THR A 141 17.45 -22.74 0.83
N THR A 142 17.73 -22.88 -0.46
CA THR A 142 19.00 -23.47 -0.90
C THR A 142 19.79 -22.45 -1.71
N PRO A 143 20.87 -21.88 -1.13
CA PRO A 143 21.56 -20.81 -1.87
C PRO A 143 22.18 -21.29 -3.15
N VAL A 144 22.22 -20.41 -4.14
CA VAL A 144 22.82 -20.69 -5.42
C VAL A 144 24.31 -20.50 -5.33
N ARG A 145 25.04 -21.52 -5.76
CA ARG A 145 26.50 -21.56 -5.74
C ARG A 145 27.15 -20.43 -6.53
N GLU A 146 26.68 -20.18 -7.73
CA GLU A 146 27.20 -19.10 -8.58
C GLU A 146 27.22 -17.73 -7.95
N TRP A 147 26.36 -17.50 -6.96
CA TRP A 147 26.18 -16.14 -6.48
C TRP A 147 26.98 -15.89 -5.24
N ASP A 148 28.04 -16.66 -5.02
CA ASP A 148 28.81 -16.50 -3.80
C ASP A 148 29.47 -15.15 -3.78
N LYS A 149 29.67 -14.52 -4.93
CA LYS A 149 30.22 -13.18 -4.92
C LYS A 149 29.28 -12.13 -4.36
N HIS A 150 28.01 -12.22 -4.73
CA HIS A 150 26.98 -11.33 -4.21
C HIS A 150 25.68 -12.10 -4.04
N GLN A 151 25.50 -12.71 -2.87
CA GLN A 151 24.24 -13.37 -2.55
C GLN A 151 23.17 -12.35 -2.20
N PRO A 152 21.90 -12.73 -2.36
CA PRO A 152 20.85 -11.80 -1.93
C PRO A 152 20.85 -11.59 -0.44
N PHE A 153 19.96 -10.72 0.04
CA PHE A 153 19.90 -10.33 1.43
C PHE A 153 19.44 -11.52 2.25
N LEU A 154 18.56 -12.33 1.68
CA LEU A 154 17.97 -13.45 2.41
C LEU A 154 17.23 -14.37 1.46
N TYR A 155 17.48 -15.66 1.57
CA TYR A 155 16.60 -16.68 1.02
C TYR A 155 15.77 -17.04 2.22
N VAL A 156 14.46 -17.11 2.09
CA VAL A 156 13.63 -17.48 3.23
C VAL A 156 12.59 -18.50 2.75
N GLY A 157 12.22 -19.45 3.61
CA GLY A 157 11.25 -20.47 3.26
C GLY A 157 11.22 -21.69 4.20
N PHE A 158 10.55 -22.77 3.76
CA PHE A 158 10.52 -24.04 4.46
C PHE A 158 11.08 -25.13 3.60
N ASP A 159 12.28 -25.62 3.95
CA ASP A 159 13.06 -26.42 3.00
C ASP A 159 12.25 -27.51 2.30
N HIS A 160 12.26 -27.47 0.98
CA HIS A 160 11.48 -28.39 0.19
C HIS A 160 12.00 -29.82 0.35
N ALA A 161 13.32 -29.96 0.38
CA ALA A 161 13.93 -31.28 0.45
C ALA A 161 13.54 -31.94 1.77
N GLU A 162 13.60 -31.19 2.86
CA GLU A 162 13.26 -31.71 4.19
C GLU A 162 11.79 -32.21 4.24
N GLY A 163 10.86 -31.38 3.77
CA GLY A 163 9.46 -31.74 3.75
C GLY A 163 9.19 -32.96 2.90
N SER A 164 9.86 -33.02 1.76
CA SER A 164 9.74 -34.19 0.90
C SER A 164 10.39 -35.44 1.47
N ARG A 165 11.46 -35.27 2.25
CA ARG A 165 12.07 -36.39 2.96
C ARG A 165 11.06 -36.93 3.95
N GLU A 166 10.51 -36.06 4.78
CA GLU A 166 9.53 -36.47 5.77
C GLU A 166 8.37 -37.20 5.13
N LEU A 167 7.77 -36.63 4.09
CA LEU A 167 6.74 -37.39 3.39
C LEU A 167 7.21 -38.74 2.85
N ALA A 168 8.37 -38.81 2.21
CA ALA A 168 8.89 -40.09 1.76
C ALA A 168 9.02 -41.10 2.90
N THR A 169 9.51 -40.62 4.03
CA THR A 169 9.61 -41.41 5.25
C THR A 169 8.25 -41.94 5.66
N GLU A 170 7.22 -41.10 5.68
CA GLU A 170 5.89 -41.64 5.96
C GLU A 170 5.37 -42.66 4.94
N PHE A 171 5.45 -42.36 3.65
CA PHE A 171 4.94 -43.32 2.68
C PHE A 171 5.64 -44.68 2.81
N GLY A 172 6.96 -44.67 3.03
CA GLY A 172 7.67 -45.90 3.28
C GLY A 172 7.09 -46.63 4.47
N LYS A 173 6.40 -45.89 5.32
CA LYS A 173 5.78 -46.43 6.53
C LYS A 173 4.39 -46.99 6.23
N PHE A 174 3.66 -46.33 5.34
CA PHE A 174 2.34 -46.85 4.91
C PHE A 174 2.30 -48.07 3.99
N PHE A 175 3.33 -48.32 3.19
CA PHE A 175 3.23 -49.33 2.11
C PHE A 175 4.39 -50.31 2.06
N PRO A 176 4.20 -51.50 1.44
CA PRO A 176 5.24 -52.53 1.34
C PRO A 176 6.32 -52.11 0.35
N LYS A 177 7.40 -52.87 0.21
CA LYS A 177 8.35 -52.58 -0.84
C LYS A 177 7.64 -52.77 -2.15
N HIS A 178 8.06 -52.06 -3.20
CA HIS A 178 7.59 -52.30 -4.57
C HIS A 178 6.20 -51.73 -4.86
N THR A 179 5.67 -50.96 -3.93
CA THR A 179 4.38 -50.34 -4.12
C THR A 179 4.38 -49.39 -5.30
N TYR A 180 3.33 -49.48 -6.11
CA TYR A 180 3.16 -48.65 -7.33
C TYR A 180 2.63 -47.30 -7.03
N TYR A 181 3.25 -46.27 -7.58
CA TYR A 181 2.67 -44.93 -7.45
C TYR A 181 2.93 -44.05 -8.63
N SER A 182 2.31 -42.87 -8.62
CA SER A 182 2.40 -41.87 -9.67
C SER A 182 2.66 -40.56 -8.99
N VAL A 183 3.21 -39.61 -9.72
CA VAL A 183 3.60 -38.32 -9.16
C VAL A 183 3.06 -37.18 -10.00
N LEU A 184 2.50 -36.20 -9.30
CA LEU A 184 2.00 -34.97 -9.89
C LEU A 184 2.92 -33.89 -9.44
N TYR A 185 3.67 -33.42 -10.43
CA TYR A 185 4.65 -32.40 -10.24
C TYR A 185 3.99 -31.04 -10.22
N PHE A 186 4.77 -30.06 -9.82
CA PHE A 186 4.45 -28.68 -10.02
C PHE A 186 4.71 -28.39 -11.50
N SER A 187 4.86 -27.13 -11.87
CA SER A 187 5.26 -26.81 -13.21
C SER A 187 6.76 -27.21 -13.36
N GLU A 188 7.22 -27.33 -14.56
N GLU A 188 7.23 -27.34 -14.56
CA GLU A 188 8.62 -27.69 -14.80
CA GLU A 188 8.61 -27.70 -14.78
C GLU A 188 9.47 -26.62 -14.22
C GLU A 188 9.46 -26.62 -14.21
N GLY A 189 10.50 -26.99 -13.45
CA GLY A 189 11.23 -26.01 -12.66
C GLY A 189 11.81 -26.44 -11.30
N TYR A 190 12.27 -25.45 -10.55
CA TYR A 190 12.90 -25.62 -9.28
C TYR A 190 12.06 -26.43 -8.30
N ILE A 191 10.82 -26.00 -8.10
CA ILE A 191 9.96 -26.63 -7.11
C ILE A 191 9.78 -28.12 -7.39
N SER A 192 9.50 -28.49 -8.63
CA SER A 192 9.30 -29.89 -9.00
C SER A 192 10.57 -30.69 -8.77
N ASP A 193 11.72 -30.06 -9.00
CA ASP A 193 13.03 -30.68 -8.82
C ASP A 193 13.30 -30.95 -7.36
N VAL A 194 13.03 -29.98 -6.49
CA VAL A 194 13.35 -30.13 -5.07
C VAL A 194 12.25 -30.83 -4.24
N ARG A 195 11.00 -30.73 -4.67
CA ARG A 195 9.93 -31.46 -4.00
C ARG A 195 9.68 -32.83 -4.60
N GLY A 196 9.80 -32.98 -5.92
CA GLY A 196 9.35 -34.21 -6.54
C GLY A 196 10.48 -35.20 -6.66
N ASP A 197 11.54 -34.78 -7.33
CA ASP A 197 12.64 -35.67 -7.64
C ASP A 197 13.36 -36.20 -6.38
N THR A 198 13.29 -35.41 -5.30
CA THR A 198 13.76 -35.78 -3.97
C THR A 198 12.97 -36.97 -3.44
N PHE A 199 11.65 -36.79 -3.42
CA PHE A 199 10.72 -37.80 -2.95
C PHE A 199 10.99 -39.08 -3.75
N ILE A 200 10.98 -38.97 -5.07
CA ILE A 200 11.19 -40.15 -5.90
C ILE A 200 12.52 -40.86 -5.67
N HIS A 201 13.58 -40.07 -5.57
CA HIS A 201 14.90 -40.62 -5.31
C HIS A 201 14.87 -41.47 -4.04
N GLN A 202 14.36 -40.86 -2.97
CA GLN A 202 14.34 -41.49 -1.67
C GLN A 202 13.50 -42.73 -1.67
N VAL A 203 12.33 -42.63 -2.23
CA VAL A 203 11.39 -43.70 -2.13
C VAL A 203 11.84 -44.89 -2.99
N ASN A 204 12.45 -44.64 -4.16
CA ASN A 204 13.04 -45.71 -4.95
C ASN A 204 14.21 -46.39 -4.25
N ARG A 205 15.15 -45.59 -3.76
CA ARG A 205 16.30 -46.17 -3.09
C ARG A 205 15.92 -46.92 -1.82
N ASP A 206 15.11 -46.31 -0.95
CA ASP A 206 14.83 -46.89 0.36
C ASP A 206 13.71 -47.93 0.37
N ASN A 207 12.69 -47.80 -0.46
CA ASN A 207 11.54 -48.68 -0.31
C ASN A 207 11.24 -49.44 -1.59
N ASN A 208 12.07 -49.23 -2.59
CA ASN A 208 11.93 -49.92 -3.86
C ASN A 208 10.57 -49.71 -4.48
N PHE A 209 10.00 -48.51 -4.31
CA PHE A 209 8.72 -48.22 -4.93
C PHE A 209 8.92 -48.09 -6.44
N GLU A 210 7.88 -48.47 -7.17
CA GLU A 210 7.81 -48.37 -8.62
C GLU A 210 6.91 -47.21 -9.08
N LEU A 211 7.56 -46.28 -9.76
CA LEU A 211 6.91 -45.10 -10.30
C LEU A 211 6.29 -45.50 -11.62
N GLN A 212 4.97 -45.49 -11.68
CA GLN A 212 4.19 -45.77 -12.88
C GLN A 212 4.17 -44.63 -13.90
N SER A 213 4.09 -43.40 -13.39
CA SER A 213 4.01 -42.21 -14.23
C SER A 213 4.27 -40.95 -13.42
N ALA A 214 4.70 -39.88 -14.08
CA ALA A 214 4.90 -38.58 -13.46
C ALA A 214 4.45 -37.54 -14.47
N TYR A 215 3.65 -36.59 -14.02
CA TYR A 215 3.06 -35.59 -14.91
C TYR A 215 3.39 -34.22 -14.39
N TYR A 216 3.77 -33.32 -15.29
CA TYR A 216 3.84 -31.90 -14.97
C TYR A 216 2.48 -31.18 -15.08
N THR A 217 2.35 -30.13 -14.28
CA THR A 217 1.10 -29.40 -14.19
C THR A 217 1.39 -27.96 -14.46
N LYS A 218 0.35 -27.15 -14.40
CA LYS A 218 0.47 -25.73 -14.54
C LYS A 218 0.47 -25.07 -13.17
N ALA A 219 0.58 -25.89 -12.14
CA ALA A 219 0.52 -25.45 -10.75
C ALA A 219 -0.85 -24.90 -10.31
N THR A 220 -1.93 -25.38 -10.90
CA THR A 220 -3.27 -24.92 -10.53
C THR A 220 -4.13 -26.10 -10.11
N LYS A 221 -5.17 -25.80 -9.35
CA LYS A 221 -6.10 -26.83 -8.93
C LYS A 221 -6.69 -27.58 -10.15
N GLN A 222 -7.17 -26.83 -11.14
CA GLN A 222 -7.80 -27.44 -12.29
C GLN A 222 -6.81 -28.34 -13.00
N SER A 223 -5.56 -27.92 -13.00
CA SER A 223 -4.50 -28.63 -13.69
C SER A 223 -4.24 -29.92 -12.95
N GLY A 224 -4.32 -29.86 -11.62
CA GLY A 224 -4.13 -31.02 -10.77
C GLY A 224 -5.22 -32.04 -11.05
N TYR A 225 -6.46 -31.60 -11.04
CA TYR A 225 -7.57 -32.43 -11.52
C TYR A 225 -7.30 -33.08 -12.88
N ASP A 226 -7.01 -32.28 -13.91
CA ASP A 226 -6.75 -32.80 -15.25
C ASP A 226 -5.66 -33.87 -15.25
N ALA A 227 -4.52 -33.53 -14.66
CA ALA A 227 -3.35 -34.39 -14.66
C ALA A 227 -3.68 -35.69 -13.95
N ALA A 228 -4.36 -35.59 -12.80
CA ALA A 228 -4.80 -36.79 -12.07
C ALA A 228 -5.65 -37.70 -12.96
N LYS A 229 -6.68 -37.12 -13.59
CA LYS A 229 -7.52 -37.91 -14.51
C LYS A 229 -6.75 -38.58 -15.63
N ALA A 230 -5.93 -37.81 -16.32
CA ALA A 230 -5.14 -38.36 -17.41
C ALA A 230 -4.30 -39.51 -16.88
N SER A 231 -3.57 -39.25 -15.80
CA SER A 231 -2.63 -40.22 -15.22
C SER A 231 -3.32 -41.53 -14.84
N LEU A 232 -4.44 -41.42 -14.13
CA LEU A 232 -5.16 -42.59 -13.72
C LEU A 232 -5.83 -43.27 -14.90
N ALA A 233 -6.12 -42.52 -15.96
CA ALA A 233 -6.65 -43.14 -17.15
C ALA A 233 -5.60 -44.04 -17.77
N LYS A 234 -4.39 -43.51 -17.97
CA LYS A 234 -3.32 -44.32 -18.53
C LYS A 234 -2.79 -45.32 -17.51
N HIS A 235 -2.78 -44.96 -16.23
CA HIS A 235 -2.18 -45.82 -15.21
C HIS A 235 -3.07 -46.01 -13.98
N PRO A 236 -4.18 -46.72 -14.16
CA PRO A 236 -5.14 -46.96 -13.09
C PRO A 236 -4.58 -47.61 -11.84
N ASP A 237 -3.57 -48.49 -11.95
CA ASP A 237 -3.19 -49.32 -10.81
C ASP A 237 -2.04 -48.71 -10.03
N VAL A 238 -2.35 -47.92 -9.01
CA VAL A 238 -1.33 -47.36 -8.12
C VAL A 238 -1.91 -47.37 -6.72
N ASP A 239 -1.09 -47.17 -5.70
CA ASP A 239 -1.61 -47.20 -4.33
C ASP A 239 -1.61 -45.82 -3.72
N PHE A 240 -0.83 -44.94 -4.30
CA PHE A 240 -0.89 -43.55 -3.92
C PHE A 240 -0.41 -42.65 -5.00
N ILE A 241 -0.76 -41.38 -4.88
CA ILE A 241 -0.20 -40.38 -5.73
C ILE A 241 0.51 -39.41 -4.85
N TYR A 242 1.72 -39.04 -5.24
CA TYR A 242 2.43 -37.97 -4.57
C TYR A 242 2.31 -36.70 -5.39
N ALA A 243 1.81 -35.66 -4.73
CA ALA A 243 1.57 -34.36 -5.33
C ALA A 243 2.59 -33.36 -4.75
N CYS A 244 3.00 -32.36 -5.54
CA CYS A 244 4.07 -31.44 -5.15
C CYS A 244 3.61 -30.11 -4.65
N SER A 245 2.30 -29.90 -4.61
CA SER A 245 1.78 -28.66 -4.08
C SER A 245 0.32 -28.82 -3.70
N THR A 246 -0.12 -27.90 -2.86
CA THR A 246 -1.49 -27.78 -2.38
C THR A 246 -2.58 -27.75 -3.47
N ASP A 247 -2.47 -26.83 -4.42
CA ASP A 247 -3.50 -26.70 -5.43
C ASP A 247 -3.63 -27.99 -6.24
N VAL A 248 -2.50 -28.52 -6.67
CA VAL A 248 -2.47 -29.73 -7.47
C VAL A 248 -3.06 -30.89 -6.67
N ALA A 249 -2.74 -30.95 -5.38
CA ALA A 249 -3.31 -31.98 -4.52
C ALA A 249 -4.84 -31.87 -4.42
N LEU A 250 -5.32 -30.70 -4.09
CA LEU A 250 -6.75 -30.51 -4.03
C LEU A 250 -7.49 -30.76 -5.35
N GLY A 251 -6.91 -30.45 -6.49
CA GLY A 251 -7.50 -30.89 -7.74
C GLY A 251 -7.56 -32.41 -7.87
N ALA A 252 -6.43 -33.04 -7.60
CA ALA A 252 -6.36 -34.50 -7.63
C ALA A 252 -7.41 -35.16 -6.73
N VAL A 253 -7.66 -34.58 -5.56
CA VAL A 253 -8.74 -35.07 -4.70
C VAL A 253 -10.09 -35.12 -5.40
N ASP A 254 -10.46 -34.02 -6.05
CA ASP A 254 -11.71 -33.96 -6.81
C ASP A 254 -11.71 -35.01 -7.89
N ALA A 255 -10.58 -35.19 -8.55
CA ALA A 255 -10.49 -36.29 -9.51
C ALA A 255 -10.73 -37.68 -8.91
N LEU A 256 -10.08 -37.97 -7.79
CA LEU A 256 -10.21 -39.28 -7.14
C LEU A 256 -11.62 -39.53 -6.61
N ALA A 257 -12.27 -38.48 -6.14
CA ALA A 257 -13.67 -38.59 -5.77
C ALA A 257 -14.50 -38.90 -7.01
N GLU A 258 -14.36 -38.10 -8.06
CA GLU A 258 -15.10 -38.33 -9.29
C GLU A 258 -14.93 -39.74 -9.81
N LEU A 259 -13.71 -40.27 -9.73
CA LEU A 259 -13.42 -41.61 -10.20
C LEU A 259 -13.74 -42.78 -9.25
N GLY A 260 -14.14 -42.49 -8.02
CA GLY A 260 -14.45 -43.53 -7.05
C GLY A 260 -13.23 -44.19 -6.44
N ARG A 261 -12.06 -43.61 -6.62
CA ARG A 261 -10.83 -44.24 -6.15
C ARG A 261 -10.40 -43.88 -4.70
N GLU A 262 -11.13 -44.32 -3.70
CA GLU A 262 -10.65 -44.10 -2.35
C GLU A 262 -9.73 -45.26 -1.94
N ASP A 263 -9.26 -46.01 -2.93
CA ASP A 263 -8.27 -47.06 -2.69
C ASP A 263 -6.88 -46.46 -2.91
N ILE A 264 -6.85 -45.16 -3.17
CA ILE A 264 -5.61 -44.46 -3.51
C ILE A 264 -5.33 -43.37 -2.53
N MET A 265 -4.10 -43.25 -2.12
CA MET A 265 -3.78 -42.34 -1.05
C MET A 265 -3.14 -41.10 -1.66
N ILE A 266 -3.29 -39.97 -1.00
CA ILE A 266 -2.81 -38.70 -1.56
C ILE A 266 -2.42 -37.70 -0.45
N ASN A 267 -1.33 -36.99 -0.68
CA ASN A 267 -0.79 -36.10 0.33
C ASN A 267 -0.96 -34.65 -0.07
N GLY A 268 -0.91 -33.76 0.92
CA GLY A 268 -0.83 -32.34 0.69
C GLY A 268 0.60 -31.90 0.80
N TRP A 269 0.85 -30.61 0.61
CA TRP A 269 2.19 -30.05 0.78
C TRP A 269 2.15 -28.63 1.36
N GLY A 270 2.46 -28.47 2.65
CA GLY A 270 2.49 -27.17 3.28
C GLY A 270 1.54 -27.02 4.44
N GLY A 271 0.42 -27.75 4.37
CA GLY A 271 -0.54 -27.79 5.47
C GLY A 271 -1.12 -26.44 5.85
N GLY A 272 -1.61 -25.69 4.88
CA GLY A 272 -2.36 -24.50 5.16
C GLY A 272 -3.81 -24.84 5.48
N SER A 273 -4.64 -23.80 5.58
CA SER A 273 -6.00 -23.97 6.09
C SER A 273 -6.77 -25.00 5.30
N ALA A 274 -6.77 -24.83 3.98
CA ALA A 274 -7.53 -25.68 3.05
C ALA A 274 -7.10 -27.14 3.11
N GLU A 275 -5.81 -27.36 3.28
CA GLU A 275 -5.30 -28.72 3.42
C GLU A 275 -5.82 -29.26 4.71
N LEU A 276 -5.72 -28.47 5.78
CA LEU A 276 -6.14 -28.98 7.09
C LEU A 276 -7.61 -29.32 7.10
N ASP A 277 -8.40 -28.48 6.44
CA ASP A 277 -9.81 -28.75 6.27
C ASP A 277 -9.95 -30.09 5.52
N ALA A 278 -9.25 -30.29 4.41
CA ALA A 278 -9.34 -31.58 3.71
C ALA A 278 -8.91 -32.79 4.55
N ILE A 279 -7.88 -32.61 5.36
CA ILE A 279 -7.46 -33.64 6.26
C ILE A 279 -8.58 -33.96 7.25
N GLN A 280 -9.21 -32.93 7.80
CA GLN A 280 -10.30 -33.18 8.73
C GLN A 280 -11.53 -33.81 8.06
N LYS A 281 -11.82 -33.48 6.81
CA LYS A 281 -12.81 -34.25 6.03
C LYS A 281 -12.34 -35.66 5.69
N GLY A 282 -11.03 -35.84 5.58
CA GLY A 282 -10.48 -37.13 5.22
C GLY A 282 -10.23 -37.26 3.74
N ASP A 283 -10.36 -36.14 3.04
CA ASP A 283 -10.14 -36.09 1.60
C ASP A 283 -8.66 -36.18 1.27
N LEU A 284 -7.85 -35.81 2.25
CA LEU A 284 -6.41 -35.77 2.07
C LEU A 284 -5.83 -36.70 3.11
N ASP A 285 -4.99 -37.65 2.71
CA ASP A 285 -4.60 -38.71 3.65
C ASP A 285 -3.56 -38.25 4.64
N ILE A 286 -2.67 -37.40 4.16
CA ILE A 286 -1.51 -36.99 4.93
C ILE A 286 -1.00 -35.65 4.43
N THR A 287 -0.25 -34.96 5.26
CA THR A 287 0.45 -33.78 4.79
C THR A 287 1.60 -33.44 5.68
N VAL A 288 2.47 -32.60 5.12
CA VAL A 288 3.54 -32.00 5.87
C VAL A 288 3.24 -30.51 6.04
N MET A 289 2.91 -30.17 7.27
CA MET A 289 2.40 -28.87 7.60
C MET A 289 3.56 -28.05 8.04
N ARG A 290 3.74 -26.89 7.43
CA ARG A 290 4.84 -26.07 7.85
C ARG A 290 4.37 -25.06 8.88
N MET A 291 5.23 -24.71 9.84
CA MET A 291 4.91 -23.72 10.87
C MET A 291 4.96 -22.30 10.28
N ASN A 292 3.89 -21.99 9.59
CA ASN A 292 3.87 -20.95 8.58
C ASN A 292 4.47 -19.60 8.98
N ASP A 293 3.98 -19.02 10.07
CA ASP A 293 4.28 -17.63 10.36
C ASP A 293 5.75 -17.35 10.64
N ASP A 294 6.54 -18.37 10.95
CA ASP A 294 7.93 -18.17 11.37
C ASP A 294 8.75 -17.41 10.32
N THR A 295 8.46 -17.68 9.04
CA THR A 295 9.19 -17.07 7.93
C THR A 295 8.74 -15.66 7.68
N GLY A 296 7.50 -15.36 8.01
CA GLY A 296 7.02 -13.99 7.90
C GLY A 296 7.72 -13.17 8.95
N ILE A 297 7.80 -13.75 10.16
CA ILE A 297 8.41 -13.11 11.33
C ILE A 297 9.90 -13.01 11.15
N ALA A 298 10.50 -14.02 10.56
CA ALA A 298 11.94 -13.95 10.29
C ALA A 298 12.33 -12.78 9.40
N MET A 299 11.56 -12.50 8.36
CA MET A 299 11.87 -11.38 7.46
C MET A 299 11.86 -10.05 8.17
N ALA A 300 10.96 -9.90 9.14
CA ALA A 300 10.88 -8.66 9.90
C ALA A 300 12.05 -8.56 10.86
N GLU A 301 12.42 -9.69 11.49
CA GLU A 301 13.62 -9.71 12.34
C GLU A 301 14.86 -9.46 11.51
N ALA A 302 14.87 -9.95 10.28
CA ALA A 302 16.01 -9.76 9.41
C ALA A 302 16.15 -8.30 9.06
N ILE A 303 15.03 -7.66 8.78
CA ILE A 303 15.08 -6.25 8.43
C ILE A 303 15.51 -5.40 9.63
N LYS A 304 15.02 -5.76 10.80
CA LYS A 304 15.39 -5.04 12.01
C LYS A 304 16.91 -5.00 12.16
N TRP A 305 17.52 -6.18 12.06
CA TRP A 305 18.95 -6.30 12.28
C TRP A 305 19.64 -5.38 11.31
N ASP A 306 19.26 -5.50 10.05
CA ASP A 306 19.91 -4.75 9.00
C ASP A 306 19.91 -3.26 9.32
N LEU A 307 18.77 -2.75 9.80
CA LEU A 307 18.60 -1.35 10.24
C LEU A 307 19.34 -1.01 11.53
N GLU A 308 19.71 -2.01 12.29
CA GLU A 308 20.58 -1.84 13.45
C GLU A 308 22.02 -2.06 12.98
N ASP A 309 22.20 -2.36 11.71
CA ASP A 309 23.51 -2.59 11.14
C ASP A 309 24.18 -3.89 11.63
N LYS A 310 23.37 -4.84 12.08
CA LYS A 310 23.86 -6.16 12.41
C LYS A 310 23.91 -7.07 11.19
N PRO A 311 24.87 -8.02 11.19
CA PRO A 311 24.95 -9.02 10.12
C PRO A 311 23.70 -9.90 10.02
N VAL A 312 23.25 -10.17 8.78
CA VAL A 312 22.05 -11.00 8.58
C VAL A 312 22.35 -12.34 7.90
N PRO A 313 21.69 -13.42 8.35
CA PRO A 313 22.00 -14.69 7.70
C PRO A 313 21.53 -14.69 6.28
N THR A 314 22.25 -15.40 5.42
CA THR A 314 21.86 -15.56 4.04
C THR A 314 20.60 -16.42 3.85
N VAL A 315 20.38 -17.39 4.72
CA VAL A 315 19.22 -18.27 4.58
C VAL A 315 18.54 -18.54 5.89
N TYR A 316 17.25 -18.82 5.80
CA TYR A 316 16.45 -19.24 6.94
C TYR A 316 15.40 -20.22 6.51
N SER A 317 15.34 -21.34 7.21
CA SER A 317 14.32 -22.33 7.00
C SER A 317 13.53 -22.56 8.27
N GLY A 318 12.20 -22.59 8.15
CA GLY A 318 11.35 -22.94 9.28
C GLY A 318 11.16 -24.44 9.33
N ASP A 319 10.40 -24.90 10.32
CA ASP A 319 10.24 -26.33 10.60
C ASP A 319 8.89 -26.84 10.14
N PHE A 320 8.79 -28.16 10.04
CA PHE A 320 7.58 -28.86 9.60
C PHE A 320 7.08 -29.74 10.73
N GLU A 321 5.83 -30.15 10.62
CA GLU A 321 5.27 -31.20 11.44
C GLU A 321 4.53 -32.05 10.46
N ILE A 322 4.33 -33.31 10.78
CA ILE A 322 3.58 -34.21 9.94
C ILE A 322 2.20 -34.30 10.56
N VAL A 323 1.21 -34.33 9.68
CA VAL A 323 -0.18 -34.36 10.06
C VAL A 323 -0.81 -35.45 9.23
N THR A 324 -1.61 -36.27 9.88
CA THR A 324 -2.33 -37.35 9.22
C THR A 324 -3.81 -37.21 9.52
N LYS A 325 -4.64 -37.89 8.73
CA LYS A 325 -6.07 -37.77 8.93
C LYS A 325 -6.52 -38.46 10.21
N ALA A 326 -5.61 -39.16 10.87
CA ALA A 326 -5.85 -39.73 12.19
C ALA A 326 -5.55 -38.79 13.36
N ASP A 327 -4.99 -37.62 13.11
CA ASP A 327 -4.57 -36.76 14.22
C ASP A 327 -5.80 -36.28 14.98
N SER A 328 -5.61 -35.91 16.25
CA SER A 328 -6.73 -35.43 17.06
C SER A 328 -7.10 -33.99 16.64
N PRO A 329 -8.36 -33.59 16.82
CA PRO A 329 -8.71 -32.19 16.62
C PRO A 329 -7.84 -31.29 17.48
N GLU A 330 -7.52 -31.73 18.70
CA GLU A 330 -6.72 -30.96 19.64
C GLU A 330 -5.31 -30.73 19.10
N ARG A 331 -4.68 -31.79 18.60
CA ARG A 331 -3.35 -31.66 17.99
C ARG A 331 -3.39 -30.74 16.75
N ILE A 332 -4.41 -30.87 15.92
CA ILE A 332 -4.55 -29.99 14.75
C ILE A 332 -4.60 -28.55 15.28
N GLU A 333 -5.49 -28.33 16.23
CA GLU A 333 -5.74 -27.00 16.74
C GLU A 333 -4.47 -26.44 17.33
N ALA A 334 -3.75 -27.26 18.06
CA ALA A 334 -2.49 -26.90 18.68
C ALA A 334 -1.46 -26.49 17.64
N LEU A 335 -1.33 -27.31 16.61
CA LEU A 335 -0.45 -26.96 15.50
C LEU A 335 -0.88 -25.65 14.81
N LYS A 336 -2.16 -25.39 14.67
CA LYS A 336 -2.57 -24.09 14.14
C LYS A 336 -2.14 -22.97 15.09
N LYS A 337 -2.32 -23.19 16.38
CA LYS A 337 -1.90 -22.23 17.39
C LYS A 337 -0.44 -21.91 17.18
N ARG A 338 0.38 -22.93 16.93
CA ARG A 338 1.80 -22.71 16.60
CA ARG A 338 1.79 -22.71 16.61
C ARG A 338 2.04 -22.05 15.23
N ALA A 339 1.42 -22.56 14.17
CA ALA A 339 1.73 -22.13 12.78
C ALA A 339 1.18 -20.76 12.37
N PHE A 340 0.01 -20.41 12.90
CA PHE A 340 -0.68 -19.18 12.52
C PHE A 340 -0.81 -18.27 13.70
N ARG A 341 0.20 -18.29 14.55
CA ARG A 341 0.17 -17.52 15.78
C ARG A 341 0.04 -16.02 15.57
N TYR A 342 0.37 -15.55 14.36
CA TYR A 342 0.22 -14.15 13.94
C TYR A 342 -0.92 -13.95 12.95
N SER A 343 -1.04 -14.83 11.96
CA SER A 343 -2.03 -14.67 10.89
C SER A 343 -3.39 -15.31 11.21
N ASP A 344 -3.47 -16.09 12.31
CA ASP A 344 -4.71 -16.72 12.79
C ASP A 344 -5.27 -17.74 11.80
N ASN B 6 -25.46 28.98 4.57
CA ASN B 6 -24.21 28.25 4.69
C ASN B 6 -24.33 27.11 5.72
N GLY B 7 -24.39 27.45 7.00
CA GLY B 7 -24.29 26.49 8.09
C GLY B 7 -22.87 26.40 8.68
N TYR B 8 -21.97 27.22 8.14
CA TYR B 8 -20.54 27.21 8.49
C TYR B 8 -20.13 28.53 9.07
N TRP B 9 -19.18 28.48 10.01
CA TRP B 9 -18.44 29.65 10.47
C TRP B 9 -17.48 30.13 9.40
N GLY B 10 -17.18 31.41 9.39
CA GLY B 10 -16.04 31.88 8.64
C GLY B 10 -14.79 31.50 9.43
N TYR B 11 -13.65 31.47 8.77
CA TYR B 11 -12.41 31.21 9.50
C TYR B 11 -12.14 32.33 10.52
N GLN B 12 -12.04 33.56 10.02
CA GLN B 12 -11.81 34.72 10.88
C GLN B 12 -12.99 34.98 11.80
N GLU B 13 -14.16 34.50 11.40
CA GLU B 13 -15.36 34.74 12.17
C GLU B 13 -15.30 33.83 13.40
N PHE B 14 -14.92 32.58 13.17
CA PHE B 14 -14.75 31.59 14.23
C PHE B 14 -13.67 32.04 15.20
N LEU B 15 -12.53 32.42 14.67
CA LEU B 15 -11.49 32.92 15.53
C LEU B 15 -11.89 34.22 16.26
N ASP B 16 -12.72 35.06 15.66
CA ASP B 16 -13.16 36.24 16.36
C ASP B 16 -14.11 35.90 17.47
N GLU B 17 -15.02 34.96 17.22
CA GLU B 17 -16.01 34.62 18.22
C GLU B 17 -15.36 33.98 19.46
N PHE B 18 -14.45 33.03 19.26
CA PHE B 18 -13.75 32.37 20.37
C PHE B 18 -12.26 32.77 20.42
N PRO B 19 -11.92 33.82 21.17
CA PRO B 19 -10.53 34.28 21.24
C PRO B 19 -9.53 33.22 21.69
N GLU B 20 -9.98 32.23 22.46
CA GLU B 20 -9.11 31.14 22.93
C GLU B 20 -8.52 30.44 21.71
N GLN B 21 -9.41 30.03 20.82
CA GLN B 21 -9.04 29.32 19.63
C GLN B 21 -8.12 30.16 18.74
N ARG B 22 -8.29 31.48 18.79
CA ARG B 22 -7.38 32.35 18.04
C ARG B 22 -6.02 32.23 18.67
N ASN B 23 -5.95 32.29 19.99
CA ASN B 23 -4.66 32.09 20.64
C ASN B 23 -4.00 30.77 20.27
N LEU B 24 -4.77 29.70 20.26
CA LEU B 24 -4.28 28.36 19.87
C LEU B 24 -3.84 28.23 18.41
N THR B 25 -4.64 28.78 17.51
CA THR B 25 -4.31 28.80 16.10
C THR B 25 -3.05 29.62 15.87
N ASN B 26 -2.96 30.76 16.53
CA ASN B 26 -1.75 31.56 16.47
C ASN B 26 -0.52 30.78 17.00
N ALA B 27 -0.69 30.13 18.15
CA ALA B 27 0.38 29.30 18.70
C ALA B 27 0.81 28.25 17.68
N LEU B 28 -0.16 27.58 17.08
CA LEU B 28 0.19 26.54 16.12
C LEU B 28 0.94 27.10 14.93
N SER B 29 0.54 28.27 14.46
CA SER B 29 1.31 28.90 13.40
C SER B 29 2.75 29.14 13.80
N GLU B 30 2.98 29.75 14.94
CA GLU B 30 4.36 30.00 15.33
C GLU B 30 5.14 28.71 15.45
N ALA B 31 4.54 27.68 16.02
CA ALA B 31 5.20 26.37 16.05
C ALA B 31 5.48 25.83 14.64
N VAL B 32 4.58 26.08 13.70
CA VAL B 32 4.80 25.68 12.31
C VAL B 32 5.99 26.43 11.69
N ARG B 33 6.09 27.74 11.92
CA ARG B 33 7.27 28.48 11.43
C ARG B 33 8.56 28.08 12.12
N ALA B 34 8.48 27.86 13.41
CA ALA B 34 9.67 27.67 14.23
C ALA B 34 10.31 26.33 13.92
N GLN B 35 11.60 26.21 14.27
CA GLN B 35 12.33 24.97 14.13
C GLN B 35 11.63 23.94 14.97
N PRO B 36 11.70 22.66 14.60
CA PRO B 36 10.99 21.63 15.38
C PRO B 36 11.46 21.54 16.82
N VAL B 37 10.51 21.28 17.70
CA VAL B 37 10.78 21.06 19.11
C VAL B 37 10.24 19.69 19.41
N PRO B 38 11.10 18.66 19.41
CA PRO B 38 10.62 17.28 19.55
C PRO B 38 9.67 17.02 20.73
N LEU B 39 9.05 15.86 20.68
CA LEU B 39 8.05 15.43 21.65
C LEU B 39 8.61 15.22 23.06
N SER B 40 8.02 15.93 24.02
CA SER B 40 8.46 15.96 25.41
C SER B 40 8.14 14.68 26.15
N LYS B 41 6.93 14.19 25.90
CA LYS B 41 6.38 13.02 26.59
C LYS B 41 6.31 11.82 25.63
N PRO B 42 7.25 10.85 25.75
CA PRO B 42 7.24 9.64 24.93
C PRO B 42 5.97 8.80 24.98
N THR B 43 5.85 7.90 24.01
CA THR B 43 4.60 7.20 23.72
C THR B 43 4.77 5.71 24.03
N GLN B 44 3.76 5.12 24.64
CA GLN B 44 3.85 3.73 25.05
C GLN B 44 3.97 2.84 23.82
N ARG B 45 3.20 3.20 22.80
CA ARG B 45 3.13 2.43 21.58
C ARG B 45 3.35 3.38 20.44
N PRO B 46 3.72 2.87 19.26
CA PRO B 46 3.75 3.77 18.09
C PRO B 46 2.31 4.21 17.72
N ILE B 47 2.15 5.41 17.19
CA ILE B 47 0.83 6.01 16.95
C ILE B 47 0.20 5.46 15.69
N LYS B 48 -1.06 5.04 15.76
CA LYS B 48 -1.73 4.50 14.59
C LYS B 48 -2.50 5.61 13.80
N ILE B 49 -2.07 5.85 12.57
CA ILE B 49 -2.67 6.90 11.77
C ILE B 49 -3.19 6.34 10.49
N SER B 50 -4.44 6.66 10.18
CA SER B 50 -5.03 6.27 8.91
C SER B 50 -5.20 7.50 8.01
N VAL B 51 -4.86 7.35 6.74
CA VAL B 51 -5.10 8.42 5.75
C VAL B 51 -5.96 7.94 4.62
N VAL B 52 -6.99 8.72 4.35
CA VAL B 52 -7.91 8.44 3.24
C VAL B 52 -7.92 9.60 2.26
N TYR B 53 -7.13 9.50 1.20
CA TYR B 53 -7.10 10.59 0.23
C TYR B 53 -7.56 10.21 -1.17
N PRO B 54 -7.88 11.21 -1.97
CA PRO B 54 -8.29 11.00 -3.36
C PRO B 54 -7.09 10.64 -4.21
N GLY B 55 -7.28 9.84 -5.25
CA GLY B 55 -6.15 9.39 -6.04
C GLY B 55 -6.08 10.06 -7.38
N GLN B 56 -4.88 9.98 -7.96
CA GLN B 56 -4.64 10.29 -9.37
C GLN B 56 -5.30 11.62 -9.75
N GLN B 57 -4.76 12.70 -9.22
CA GLN B 57 -5.17 14.03 -9.57
C GLN B 57 -3.96 14.64 -10.19
N VAL B 58 -4.16 15.69 -10.98
CA VAL B 58 -3.03 16.49 -11.45
C VAL B 58 -2.51 17.31 -10.26
N SER B 59 -3.43 17.76 -9.41
CA SER B 59 -3.06 18.49 -8.20
C SER B 59 -2.20 17.67 -7.25
N ASP B 60 -1.02 18.20 -6.90
CA ASP B 60 -0.04 17.52 -6.03
C ASP B 60 -0.21 17.85 -4.57
N TYR B 61 -1.33 18.47 -4.23
CA TYR B 61 -1.57 18.93 -2.86
C TYR B 61 -1.51 17.81 -1.81
N TRP B 62 -2.17 16.70 -2.10
CA TRP B 62 -2.34 15.61 -1.16
C TRP B 62 -1.04 14.85 -0.92
N VAL B 63 -0.29 14.54 -1.97
CA VAL B 63 0.95 13.81 -1.77
C VAL B 63 1.95 14.69 -1.04
N ARG B 64 2.06 15.94 -1.46
CA ARG B 64 2.95 16.86 -0.77
C ARG B 64 2.54 17.01 0.70
N ASN B 65 1.25 17.10 0.96
CA ASN B 65 0.76 17.19 2.30
C ASN B 65 1.22 16.05 3.15
N ILE B 66 1.04 14.83 2.67
CA ILE B 66 1.44 13.68 3.46
C ILE B 66 2.96 13.63 3.61
N ALA B 67 3.66 13.99 2.55
CA ALA B 67 5.10 14.02 2.59
C ALA B 67 5.56 14.93 3.74
N SER B 68 5.12 16.18 3.72
CA SER B 68 5.59 17.15 4.67
C SER B 68 5.20 16.70 6.05
N PHE B 69 4.00 16.13 6.15
CA PHE B 69 3.47 15.59 7.40
C PHE B 69 4.41 14.56 8.02
N GLU B 70 4.68 13.48 7.29
CA GLU B 70 5.55 12.39 7.75
C GLU B 70 6.92 12.90 8.15
N LYS B 71 7.51 13.75 7.31
CA LYS B 71 8.78 14.35 7.66
C LYS B 71 8.73 15.06 9.00
N ARG B 72 7.80 15.98 9.18
CA ARG B 72 7.70 16.69 10.44
C ARG B 72 7.49 15.74 11.59
N LEU B 73 6.71 14.67 11.42
CA LEU B 73 6.63 13.65 12.44
C LEU B 73 8.00 13.06 12.85
N TYR B 74 8.84 12.75 11.86
CA TYR B 74 10.20 12.36 12.21
C TYR B 74 10.96 13.45 12.93
N LYS B 75 10.85 14.68 12.45
CA LYS B 75 11.55 15.77 13.11
C LYS B 75 11.16 15.86 14.57
N LEU B 76 9.93 15.42 14.89
CA LEU B 76 9.44 15.53 16.26
C LEU B 76 9.68 14.30 17.09
N ASN B 77 10.32 13.29 16.50
CA ASN B 77 10.65 12.05 17.19
C ASN B 77 9.39 11.39 17.72
N ILE B 78 8.39 11.37 16.84
CA ILE B 78 7.14 10.68 17.09
C ILE B 78 7.09 9.39 16.30
N ASN B 79 6.86 8.31 17.01
CA ASN B 79 6.79 7.02 16.38
C ASN B 79 5.36 6.72 15.99
N TYR B 80 5.17 6.43 14.71
CA TYR B 80 3.85 6.17 14.17
C TYR B 80 3.91 5.11 13.09
N GLN B 81 2.78 4.42 12.90
CA GLN B 81 2.55 3.63 11.70
C GLN B 81 1.43 4.21 10.86
N LEU B 82 1.70 4.31 9.57
CA LEU B 82 0.73 4.94 8.65
C LEU B 82 -0.01 3.93 7.79
N ASN B 83 -1.31 3.86 8.03
CA ASN B 83 -2.20 3.06 7.21
C ASN B 83 -2.84 3.97 6.16
N GLN B 84 -2.57 3.72 4.90
CA GLN B 84 -3.12 4.57 3.87
C GLN B 84 -4.03 3.79 2.96
N VAL B 85 -5.17 4.37 2.63
CA VAL B 85 -6.03 3.77 1.60
C VAL B 85 -6.20 4.75 0.46
N PHE B 86 -6.35 4.24 -0.75
CA PHE B 86 -6.52 5.09 -1.91
C PHE B 86 -7.93 5.01 -2.42
N THR B 87 -8.33 6.08 -3.05
CA THR B 87 -9.67 6.22 -3.54
C THR B 87 -9.53 6.09 -5.07
N ARG B 88 -10.39 5.29 -5.68
CA ARG B 88 -10.31 5.07 -7.11
C ARG B 88 -10.47 6.43 -7.77
N PRO B 89 -9.91 6.63 -8.96
CA PRO B 89 -10.05 7.95 -9.58
C PRO B 89 -11.47 8.06 -10.11
N ASN B 90 -11.96 9.28 -10.36
CA ASN B 90 -13.35 9.45 -10.80
C ASN B 90 -14.28 8.87 -9.73
N ALA B 91 -13.89 9.12 -8.48
CA ALA B 91 -14.57 8.56 -7.30
C ALA B 91 -15.89 9.22 -6.96
N ASP B 92 -16.96 8.44 -7.02
CA ASP B 92 -18.27 8.89 -6.61
C ASP B 92 -18.23 9.24 -5.13
N ILE B 93 -19.05 10.16 -4.67
CA ILE B 93 -19.01 10.52 -3.24
C ILE B 93 -19.38 9.32 -2.38
N LYS B 94 -20.21 8.44 -2.94
CA LYS B 94 -20.52 7.19 -2.29
C LYS B 94 -19.26 6.34 -2.16
N GLN B 95 -18.50 6.27 -3.25
CA GLN B 95 -17.26 5.53 -3.33
C GLN B 95 -16.25 6.07 -2.29
N GLN B 96 -16.12 7.39 -2.23
CA GLN B 96 -15.27 8.06 -1.25
C GLN B 96 -15.71 7.72 0.17
N SER B 97 -17.01 7.82 0.43
CA SER B 97 -17.58 7.47 1.75
C SER B 97 -17.34 6.02 2.13
N LEU B 98 -17.42 5.15 1.15
CA LEU B 98 -17.12 3.75 1.35
C LEU B 98 -15.68 3.58 1.81
N SER B 99 -14.74 4.13 1.05
CA SER B 99 -13.33 4.10 1.45
C SER B 99 -13.18 4.55 2.87
N LEU B 100 -13.73 5.72 3.17
CA LEU B 100 -13.73 6.18 4.53
C LEU B 100 -14.25 5.13 5.50
N MET B 101 -15.37 4.53 5.17
CA MET B 101 -15.95 3.56 6.08
C MET B 101 -15.00 2.39 6.35
N GLU B 102 -14.31 1.92 5.33
CA GLU B 102 -13.32 0.88 5.53
C GLU B 102 -12.14 1.35 6.41
N ALA B 103 -11.60 2.52 6.17
CA ALA B 103 -10.50 3.02 7.01
C ALA B 103 -10.80 2.97 8.51
N LEU B 104 -12.06 3.14 8.88
CA LEU B 104 -12.45 3.22 10.28
C LEU B 104 -12.31 1.89 11.01
N LYS B 105 -12.30 0.81 10.22
CA LYS B 105 -12.20 -0.55 10.75
C LYS B 105 -10.86 -0.72 11.45
N SER B 106 -9.92 0.18 11.13
CA SER B 106 -8.57 0.10 11.66
C SER B 106 -8.46 0.45 13.14
N LYS B 107 -9.45 1.17 13.67
CA LYS B 107 -9.42 1.57 15.06
C LYS B 107 -8.10 2.30 15.33
N SER B 108 -7.81 3.27 14.45
CA SER B 108 -6.61 4.08 14.51
C SER B 108 -6.73 5.10 15.59
N ASP B 109 -5.66 5.84 15.85
CA ASP B 109 -5.70 6.93 16.82
C ASP B 109 -6.13 8.20 16.15
N TYR B 110 -5.59 8.40 14.94
CA TYR B 110 -5.94 9.55 14.11
C TYR B 110 -6.39 9.11 12.73
N LEU B 111 -7.35 9.86 12.18
CA LEU B 111 -7.86 9.60 10.84
C LEU B 111 -7.91 10.89 10.08
N ILE B 112 -7.12 10.98 9.02
CA ILE B 112 -7.07 12.19 8.23
C ILE B 112 -7.74 11.91 6.92
N PHE B 113 -8.72 12.73 6.58
CA PHE B 113 -9.49 12.49 5.37
C PHE B 113 -10.12 13.75 4.85
N THR B 114 -10.73 13.65 3.67
CA THR B 114 -11.49 14.74 3.07
C THR B 114 -12.82 14.24 2.57
N LEU B 115 -13.91 14.87 3.00
CA LEU B 115 -15.26 14.55 2.51
C LEU B 115 -16.08 15.81 2.39
N ASP B 116 -17.01 15.83 1.45
CA ASP B 116 -17.86 17.00 1.25
C ASP B 116 -18.85 17.21 2.40
N THR B 117 -18.57 18.18 3.25
CA THR B 117 -19.27 18.33 4.51
C THR B 117 -20.63 19.03 4.34
N THR B 118 -20.94 19.39 3.10
CA THR B 118 -22.24 19.93 2.75
C THR B 118 -23.14 18.82 2.21
N ARG B 119 -22.66 18.09 1.21
CA ARG B 119 -23.45 16.99 0.66
C ARG B 119 -23.47 15.77 1.57
N HIS B 120 -22.47 15.63 2.43
CA HIS B 120 -22.47 14.55 3.44
C HIS B 120 -22.26 15.05 4.87
N ARG B 121 -23.07 16.02 5.25
CA ARG B 121 -23.01 16.62 6.58
C ARG B 121 -23.29 15.57 7.66
N LYS B 122 -24.46 14.95 7.59
CA LYS B 122 -24.94 14.03 8.62
C LYS B 122 -24.12 12.75 8.68
N PHE B 123 -23.64 12.33 7.53
CA PHE B 123 -22.78 11.15 7.45
C PHE B 123 -21.57 11.38 8.34
N VAL B 124 -20.85 12.47 8.07
CA VAL B 124 -19.65 12.79 8.83
C VAL B 124 -19.97 12.99 10.30
N GLU B 125 -21.01 13.75 10.61
CA GLU B 125 -21.39 13.94 12.00
C GLU B 125 -21.60 12.61 12.70
N HIS B 126 -22.32 11.72 12.03
CA HIS B 126 -22.58 10.39 12.57
C HIS B 126 -21.30 9.61 12.75
N VAL B 127 -20.34 9.80 11.84
CA VAL B 127 -19.04 9.17 12.00
C VAL B 127 -18.31 9.72 13.21
N LEU B 128 -18.32 11.03 13.37
CA LEU B 128 -17.69 11.69 14.51
C LEU B 128 -18.20 11.10 15.81
N ASP B 129 -19.51 10.95 15.91
CA ASP B 129 -20.08 10.38 17.11
C ASP B 129 -19.93 8.87 17.24
N SER B 130 -19.39 8.21 16.22
CA SER B 130 -19.29 6.74 16.20
C SER B 130 -17.94 6.20 16.59
N THR B 131 -16.97 7.06 16.82
CA THR B 131 -15.62 6.59 16.95
C THR B 131 -14.85 7.41 17.96
N ASN B 132 -13.91 6.76 18.62
CA ASN B 132 -12.99 7.45 19.53
C ASN B 132 -11.82 8.00 18.77
N THR B 133 -11.65 7.49 17.55
CA THR B 133 -10.58 7.94 16.69
C THR B 133 -10.74 9.43 16.45
N LYS B 134 -9.61 10.13 16.43
CA LYS B 134 -9.57 11.58 16.23
C LYS B 134 -9.43 12.01 14.77
N LEU B 135 -10.47 12.72 14.31
CA LEU B 135 -10.59 13.05 12.92
C LEU B 135 -9.96 14.38 12.57
N ILE B 136 -9.14 14.33 11.54
CA ILE B 136 -8.56 15.51 10.93
C ILE B 136 -9.17 15.72 9.55
N LEU B 137 -9.94 16.79 9.44
CA LEU B 137 -10.66 17.11 8.21
C LEU B 137 -9.85 18.02 7.35
N GLN B 138 -9.47 17.50 6.20
CA GLN B 138 -8.60 18.22 5.32
C GLN B 138 -9.40 18.99 4.30
N ASN B 139 -8.87 20.14 3.91
CA ASN B 139 -9.39 20.92 2.80
C ASN B 139 -10.68 21.59 3.20
N ILE B 140 -10.84 21.85 4.48
CA ILE B 140 -11.90 22.69 4.99
C ILE B 140 -11.31 23.52 6.16
N THR B 141 -11.72 24.78 6.28
CA THR B 141 -11.16 25.71 7.28
C THR B 141 -12.31 26.50 7.89
N THR B 142 -13.52 25.98 7.70
CA THR B 142 -14.74 26.63 8.17
C THR B 142 -15.50 25.65 9.04
N PRO B 143 -15.47 25.88 10.37
CA PRO B 143 -16.12 24.88 11.23
C PRO B 143 -17.65 24.81 11.07
N VAL B 144 -18.23 23.64 11.28
CA VAL B 144 -19.66 23.47 11.19
C VAL B 144 -20.37 23.95 12.45
N ARG B 145 -21.31 24.89 12.31
CA ARG B 145 -21.98 25.44 13.49
C ARG B 145 -22.67 24.33 14.28
N GLU B 146 -23.36 23.45 13.57
CA GLU B 146 -24.10 22.34 14.20
C GLU B 146 -23.26 21.42 15.10
N TRP B 147 -21.95 21.43 14.91
CA TRP B 147 -21.06 20.48 15.58
C TRP B 147 -20.39 21.11 16.79
N ASP B 148 -20.96 22.19 17.33
CA ASP B 148 -20.42 22.85 18.50
C ASP B 148 -20.30 21.91 19.69
N LYS B 149 -21.27 21.02 19.84
CA LYS B 149 -21.24 20.07 20.94
C LYS B 149 -19.95 19.26 20.82
N HIS B 150 -19.62 18.85 19.60
CA HIS B 150 -18.51 17.94 19.39
C HIS B 150 -17.79 18.19 18.08
N GLN B 151 -16.82 19.10 18.08
CA GLN B 151 -16.04 19.34 16.88
C GLN B 151 -15.00 18.24 16.68
N PRO B 152 -14.64 17.96 15.43
CA PRO B 152 -13.53 17.04 15.22
C PRO B 152 -12.24 17.59 15.76
N PHE B 153 -11.19 16.77 15.69
CA PHE B 153 -9.90 17.07 16.33
C PHE B 153 -9.25 18.29 15.70
N LEU B 154 -9.35 18.38 14.37
CA LEU B 154 -8.77 19.48 13.63
C LEU B 154 -9.32 19.62 12.23
N TYR B 155 -9.64 20.85 11.89
CA TYR B 155 -9.90 21.22 10.51
C TYR B 155 -8.68 21.93 10.03
N VAL B 156 -8.17 21.45 8.90
CA VAL B 156 -6.94 22.01 8.39
C VAL B 156 -7.05 22.15 6.87
N GLY B 157 -6.31 23.12 6.35
CA GLY B 157 -6.24 23.38 4.94
C GLY B 157 -5.87 24.82 4.69
N PHE B 158 -6.18 25.32 3.49
CA PHE B 158 -5.98 26.72 3.12
C PHE B 158 -7.34 27.36 2.83
N ASP B 159 -7.69 28.39 3.59
CA ASP B 159 -9.01 28.95 3.55
C ASP B 159 -9.43 29.35 2.16
N HIS B 160 -10.41 28.63 1.65
CA HIS B 160 -10.85 28.77 0.28
C HIS B 160 -11.42 30.17 -0.05
N ALA B 161 -12.16 30.73 0.88
CA ALA B 161 -12.70 32.07 0.64
C ALA B 161 -11.59 33.13 0.56
N GLU B 162 -10.59 33.04 1.44
CA GLU B 162 -9.45 33.95 1.37
C GLU B 162 -8.77 33.83 0.02
N GLY B 163 -8.61 32.61 -0.48
CA GLY B 163 -7.96 32.42 -1.75
C GLY B 163 -8.74 33.04 -2.88
N SER B 164 -10.05 32.84 -2.83
CA SER B 164 -10.90 33.40 -3.87
C SER B 164 -11.01 34.91 -3.81
N ARG B 165 -10.97 35.49 -2.62
CA ARG B 165 -11.01 36.94 -2.51
C ARG B 165 -9.74 37.47 -3.12
N GLU B 166 -8.61 36.84 -2.83
CA GLU B 166 -7.36 37.32 -3.42
C GLU B 166 -7.44 37.32 -4.95
N LEU B 167 -7.86 36.18 -5.54
CA LEU B 167 -8.09 36.12 -6.99
C LEU B 167 -9.08 37.20 -7.48
N ALA B 168 -10.18 37.41 -6.74
CA ALA B 168 -11.15 38.43 -7.11
C ALA B 168 -10.54 39.81 -7.07
N THR B 169 -9.70 40.07 -6.08
CA THR B 169 -9.03 41.36 -6.03
C THR B 169 -8.16 41.56 -7.26
N GLU B 170 -7.39 40.54 -7.61
CA GLU B 170 -6.51 40.63 -8.79
C GLU B 170 -7.29 40.83 -10.09
N PHE B 171 -8.36 40.08 -10.28
CA PHE B 171 -9.22 40.30 -11.43
C PHE B 171 -9.82 41.74 -11.47
N GLY B 172 -10.17 42.29 -10.31
CA GLY B 172 -10.48 43.72 -10.21
C GLY B 172 -9.40 44.65 -10.75
N LYS B 173 -8.13 44.25 -10.69
CA LYS B 173 -7.04 45.06 -11.25
C LYS B 173 -6.87 44.86 -12.75
N PHE B 174 -6.98 43.61 -13.19
CA PHE B 174 -6.83 43.27 -14.60
C PHE B 174 -7.96 43.81 -15.50
N PHE B 175 -9.17 43.91 -14.96
CA PHE B 175 -10.34 44.19 -15.80
C PHE B 175 -11.26 45.34 -15.32
N PRO B 176 -11.86 46.07 -16.29
CA PRO B 176 -12.77 47.18 -16.02
C PRO B 176 -14.09 46.73 -15.42
N LYS B 177 -14.88 47.67 -14.92
CA LYS B 177 -16.17 47.34 -14.38
C LYS B 177 -17.01 46.77 -15.49
N HIS B 178 -17.90 45.84 -15.16
CA HIS B 178 -18.90 45.26 -16.08
C HIS B 178 -18.35 44.19 -16.99
N THR B 179 -17.08 43.85 -16.79
CA THR B 179 -16.46 42.76 -17.52
C THR B 179 -17.24 41.43 -17.46
N TYR B 180 -17.30 40.77 -18.62
CA TYR B 180 -18.03 39.52 -18.77
C TYR B 180 -17.13 38.35 -18.50
N TYR B 181 -17.61 37.43 -17.69
CA TYR B 181 -16.83 36.27 -17.38
C TYR B 181 -17.68 35.05 -17.20
N SER B 182 -17.03 33.89 -17.15
CA SER B 182 -17.71 32.64 -16.91
C SER B 182 -17.00 31.90 -15.80
N VAL B 183 -17.71 30.99 -15.16
CA VAL B 183 -17.14 30.22 -14.05
C VAL B 183 -17.24 28.73 -14.35
N LEU B 184 -16.11 28.05 -14.17
CA LEU B 184 -16.10 26.58 -14.08
C LEU B 184 -15.96 26.18 -12.61
N TYR B 185 -17.04 25.68 -12.06
CA TYR B 185 -17.09 25.22 -10.69
C TYR B 185 -16.35 23.92 -10.55
N PHE B 186 -16.19 23.50 -9.29
CA PHE B 186 -15.74 22.18 -8.94
C PHE B 186 -17.00 21.34 -9.06
N SER B 187 -16.98 20.13 -8.52
CA SER B 187 -18.21 19.36 -8.45
C SER B 187 -19.13 20.13 -7.53
N GLU B 188 -20.42 19.96 -7.71
CA GLU B 188 -21.38 20.67 -6.88
C GLU B 188 -21.23 20.19 -5.46
N GLY B 189 -21.23 21.11 -4.50
CA GLY B 189 -20.93 20.80 -3.12
C GLY B 189 -20.21 21.96 -2.44
N TYR B 190 -19.39 21.63 -1.45
CA TYR B 190 -18.78 22.63 -0.59
C TYR B 190 -17.77 23.50 -1.30
N ILE B 191 -16.87 22.87 -2.06
CA ILE B 191 -15.74 23.61 -2.60
C ILE B 191 -16.19 24.59 -3.67
N SER B 192 -17.19 24.21 -4.45
CA SER B 192 -17.78 25.12 -5.41
C SER B 192 -18.43 26.28 -4.72
N ASP B 193 -19.16 26.02 -3.64
CA ASP B 193 -19.85 27.11 -2.95
C ASP B 193 -18.83 28.11 -2.36
N VAL B 194 -17.75 27.58 -1.82
CA VAL B 194 -16.80 28.36 -1.05
C VAL B 194 -15.70 29.00 -1.91
N ARG B 195 -15.33 28.35 -3.00
CA ARG B 195 -14.40 28.95 -3.96
C ARG B 195 -15.17 29.68 -5.09
N GLY B 196 -16.23 29.05 -5.58
CA GLY B 196 -16.94 29.59 -6.71
C GLY B 196 -17.75 30.80 -6.32
N ASP B 197 -18.68 30.63 -5.38
CA ASP B 197 -19.67 31.65 -5.17
C ASP B 197 -19.13 32.84 -4.38
N THR B 198 -18.03 32.61 -3.68
CA THR B 198 -17.33 33.69 -3.00
C THR B 198 -16.78 34.69 -4.01
N PHE B 199 -16.13 34.12 -5.02
CA PHE B 199 -15.49 34.87 -6.09
C PHE B 199 -16.55 35.71 -6.79
N ILE B 200 -17.63 35.05 -7.16
CA ILE B 200 -18.71 35.67 -7.89
C ILE B 200 -19.29 36.81 -7.11
N HIS B 201 -19.65 36.55 -5.86
CA HIS B 201 -20.22 37.57 -4.98
C HIS B 201 -19.35 38.78 -4.95
N GLN B 202 -18.05 38.55 -4.78
CA GLN B 202 -17.13 39.66 -4.69
C GLN B 202 -17.06 40.46 -5.96
N VAL B 203 -16.72 39.82 -7.08
CA VAL B 203 -16.55 40.58 -8.32
C VAL B 203 -17.83 41.35 -8.67
N ASN B 204 -18.96 40.77 -8.30
CA ASN B 204 -20.20 41.47 -8.51
C ASN B 204 -20.32 42.71 -7.65
N ARG B 205 -20.32 42.59 -6.33
CA ARG B 205 -20.51 43.79 -5.53
C ARG B 205 -19.41 44.84 -5.76
N ASP B 206 -18.16 44.41 -5.89
CA ASP B 206 -17.04 45.36 -5.97
C ASP B 206 -16.82 45.89 -7.36
N ASN B 207 -16.95 45.04 -8.36
CA ASN B 207 -16.52 45.42 -9.69
C ASN B 207 -17.64 45.40 -10.72
N ASN B 208 -18.80 44.90 -10.34
CA ASN B 208 -19.91 44.84 -11.23
C ASN B 208 -19.67 43.98 -12.44
N PHE B 209 -18.73 43.05 -12.37
CA PHE B 209 -18.54 42.08 -13.45
C PHE B 209 -19.83 41.34 -13.73
N GLU B 210 -20.00 40.81 -14.93
CA GLU B 210 -21.28 40.18 -15.30
C GLU B 210 -21.13 38.72 -15.69
N LEU B 211 -21.63 37.85 -14.83
CA LEU B 211 -21.54 36.42 -15.03
C LEU B 211 -22.37 35.96 -16.20
N GLN B 212 -21.71 35.40 -17.20
CA GLN B 212 -22.41 34.94 -18.39
C GLN B 212 -22.93 33.52 -18.23
N SER B 213 -22.16 32.68 -17.56
CA SER B 213 -22.52 31.28 -17.33
C SER B 213 -21.68 30.69 -16.21
N ALA B 214 -22.20 29.65 -15.58
CA ALA B 214 -21.50 28.91 -14.53
C ALA B 214 -21.75 27.42 -14.65
N TYR B 215 -20.71 26.62 -14.81
CA TYR B 215 -20.87 25.18 -15.00
C TYR B 215 -20.28 24.34 -13.85
N TYR B 216 -21.03 23.34 -13.41
CA TYR B 216 -20.50 22.31 -12.54
C TYR B 216 -19.76 21.23 -13.32
N THR B 217 -18.68 20.73 -12.74
CA THR B 217 -17.82 19.77 -13.38
C THR B 217 -17.71 18.54 -12.54
N LYS B 218 -16.97 17.57 -13.03
CA LYS B 218 -16.67 16.36 -12.28
C LYS B 218 -15.27 16.45 -11.67
N ALA B 219 -14.72 17.65 -11.55
CA ALA B 219 -13.46 17.85 -10.81
C ALA B 219 -12.26 17.23 -11.52
N THR B 220 -12.41 16.85 -12.79
CA THR B 220 -11.32 16.22 -13.51
C THR B 220 -10.82 17.19 -14.57
N LYS B 221 -9.65 16.91 -15.14
CA LYS B 221 -9.13 17.70 -16.23
C LYS B 221 -9.99 17.55 -17.47
N GLN B 222 -10.45 16.33 -17.76
CA GLN B 222 -11.29 16.04 -18.92
C GLN B 222 -12.57 16.84 -18.81
N SER B 223 -13.18 16.81 -17.63
CA SER B 223 -14.39 17.55 -17.31
C SER B 223 -14.20 19.07 -17.46
N GLY B 224 -13.03 19.57 -17.10
CA GLY B 224 -12.74 20.98 -17.22
C GLY B 224 -12.66 21.32 -18.69
N TYR B 225 -11.97 20.46 -19.45
CA TYR B 225 -11.91 20.57 -20.90
C TYR B 225 -13.29 20.62 -21.51
N ASP B 226 -14.13 19.64 -21.19
CA ASP B 226 -15.50 19.61 -21.69
C ASP B 226 -16.35 20.84 -21.34
N ALA B 227 -16.33 21.23 -20.07
CA ALA B 227 -17.20 22.28 -19.58
C ALA B 227 -16.81 23.61 -20.20
N ALA B 228 -15.51 23.88 -20.26
CA ALA B 228 -15.03 25.09 -20.92
C ALA B 228 -15.58 25.20 -22.35
N LYS B 229 -15.47 24.13 -23.12
CA LYS B 229 -15.95 24.17 -24.48
C LYS B 229 -17.46 24.37 -24.54
N ALA B 230 -18.19 23.66 -23.71
CA ALA B 230 -19.62 23.88 -23.73
C ALA B 230 -19.93 25.37 -23.41
N SER B 231 -19.23 25.91 -22.43
CA SER B 231 -19.46 27.27 -21.99
C SER B 231 -19.15 28.29 -23.11
N LEU B 232 -18.02 28.11 -23.79
CA LEU B 232 -17.61 28.98 -24.87
C LEU B 232 -18.42 28.78 -26.15
N ALA B 233 -19.02 27.61 -26.28
CA ALA B 233 -20.00 27.40 -27.34
C ALA B 233 -21.24 28.28 -27.10
N LYS B 234 -21.80 28.23 -25.89
CA LYS B 234 -22.98 29.04 -25.59
C LYS B 234 -22.69 30.54 -25.38
N HIS B 235 -21.50 30.86 -24.88
CA HIS B 235 -21.14 32.24 -24.57
C HIS B 235 -19.70 32.53 -24.92
N PRO B 236 -19.40 32.66 -26.21
CA PRO B 236 -18.02 32.85 -26.62
C PRO B 236 -17.44 34.21 -26.22
N ASP B 237 -18.30 35.18 -25.93
CA ASP B 237 -17.84 36.53 -25.60
C ASP B 237 -17.56 36.72 -24.11
N VAL B 238 -16.41 36.25 -23.65
CA VAL B 238 -15.98 36.49 -22.27
C VAL B 238 -14.53 36.93 -22.24
N ASP B 239 -14.20 37.85 -21.35
CA ASP B 239 -12.82 38.29 -21.20
C ASP B 239 -12.00 37.40 -20.26
N PHE B 240 -12.65 36.60 -19.42
CA PHE B 240 -11.96 35.59 -18.63
C PHE B 240 -12.83 34.47 -18.11
N ILE B 241 -12.19 33.40 -17.68
CA ILE B 241 -12.88 32.28 -17.04
C ILE B 241 -12.30 32.06 -15.65
N TYR B 242 -13.12 31.76 -14.68
CA TYR B 242 -12.61 31.54 -13.33
C TYR B 242 -12.82 30.11 -12.94
N ALA B 243 -11.74 29.39 -12.66
CA ALA B 243 -11.83 27.97 -12.40
C ALA B 243 -11.56 27.70 -10.91
N CYS B 244 -12.28 26.73 -10.34
CA CYS B 244 -12.32 26.51 -8.91
C CYS B 244 -11.34 25.46 -8.44
N SER B 245 -10.50 24.97 -9.35
CA SER B 245 -9.61 23.89 -9.01
C SER B 245 -8.62 23.70 -10.13
N THR B 246 -7.48 23.11 -9.78
CA THR B 246 -6.36 22.87 -10.70
C THR B 246 -6.66 21.97 -11.92
N ASP B 247 -7.21 20.81 -11.69
CA ASP B 247 -7.45 19.87 -12.78
C ASP B 247 -8.34 20.52 -13.83
N VAL B 248 -9.38 21.21 -13.36
CA VAL B 248 -10.37 21.86 -14.21
C VAL B 248 -9.76 23.00 -15.01
N ALA B 249 -9.03 23.89 -14.36
CA ALA B 249 -8.31 24.93 -15.06
C ALA B 249 -7.35 24.36 -16.12
N LEU B 250 -6.58 23.33 -15.78
CA LEU B 250 -5.69 22.74 -16.77
C LEU B 250 -6.43 22.11 -17.96
N GLY B 251 -7.58 21.49 -17.74
CA GLY B 251 -8.39 21.14 -18.88
C GLY B 251 -8.76 22.38 -19.71
N ALA B 252 -9.27 23.40 -19.02
CA ALA B 252 -9.72 24.63 -19.65
C ALA B 252 -8.65 25.25 -20.53
N VAL B 253 -7.42 25.21 -20.06
CA VAL B 253 -6.26 25.69 -20.81
C VAL B 253 -6.14 24.98 -22.15
N ASP B 254 -6.28 23.64 -22.12
CA ASP B 254 -6.25 22.81 -23.33
C ASP B 254 -7.35 23.33 -24.25
N ALA B 255 -8.55 23.38 -23.70
CA ALA B 255 -9.68 23.86 -24.46
C ALA B 255 -9.45 25.23 -25.10
N LEU B 256 -8.92 26.19 -24.36
CA LEU B 256 -8.72 27.52 -24.93
C LEU B 256 -7.74 27.46 -26.07
N ALA B 257 -6.68 26.67 -25.88
CA ALA B 257 -5.73 26.49 -26.98
C ALA B 257 -6.44 25.94 -28.18
N GLU B 258 -7.23 24.91 -27.99
CA GLU B 258 -7.87 24.23 -29.10
C GLU B 258 -8.75 25.17 -29.95
N LEU B 259 -9.36 26.17 -29.29
CA LEU B 259 -10.27 27.10 -29.93
C LEU B 259 -9.60 28.44 -30.19
N GLY B 260 -8.28 28.51 -30.02
CA GLY B 260 -7.55 29.70 -30.43
C GLY B 260 -8.01 30.94 -29.69
N ARG B 261 -8.38 30.77 -28.42
CA ARG B 261 -8.79 31.88 -27.54
C ARG B 261 -7.67 32.40 -26.64
N GLU B 262 -6.62 32.95 -27.25
CA GLU B 262 -5.60 33.67 -26.53
C GLU B 262 -6.15 34.98 -25.96
N ASP B 263 -7.41 35.30 -26.27
CA ASP B 263 -8.02 36.55 -25.85
C ASP B 263 -8.77 36.41 -24.52
N ILE B 264 -8.66 35.23 -23.91
CA ILE B 264 -9.37 34.91 -22.67
C ILE B 264 -8.39 34.54 -21.58
N MET B 265 -8.62 35.07 -20.39
CA MET B 265 -7.74 34.86 -19.27
C MET B 265 -8.29 33.76 -18.34
N ILE B 266 -7.38 33.01 -17.73
CA ILE B 266 -7.72 31.77 -16.99
C ILE B 266 -6.79 31.62 -15.79
N ASN B 267 -7.35 31.24 -14.66
CA ASN B 267 -6.60 31.14 -13.41
C ASN B 267 -6.46 29.69 -12.99
N GLY B 268 -5.45 29.43 -12.17
CA GLY B 268 -5.30 28.16 -11.48
C GLY B 268 -5.83 28.37 -10.08
N TRP B 269 -5.80 27.35 -9.24
CA TRP B 269 -6.24 27.50 -7.85
C TRP B 269 -5.41 26.61 -6.93
N GLY B 270 -4.28 27.09 -6.41
CA GLY B 270 -3.48 26.24 -5.54
C GLY B 270 -1.99 26.42 -5.60
N GLY B 271 -1.52 26.66 -6.81
CA GLY B 271 -0.10 26.92 -7.04
C GLY B 271 0.78 25.70 -6.79
N GLY B 272 0.27 24.51 -7.06
CA GLY B 272 1.10 23.31 -7.00
C GLY B 272 2.03 23.29 -8.20
N SER B 273 2.81 22.21 -8.38
CA SER B 273 3.84 22.17 -9.43
C SER B 273 3.31 22.24 -10.87
N ALA B 274 2.22 21.51 -11.15
CA ALA B 274 1.65 21.48 -12.49
C ALA B 274 1.20 22.91 -12.86
N GLU B 275 0.59 23.62 -11.91
CA GLU B 275 0.13 24.98 -12.14
C GLU B 275 1.31 25.89 -12.41
N LEU B 276 2.34 25.79 -11.59
CA LEU B 276 3.47 26.69 -11.72
C LEU B 276 4.16 26.46 -13.05
N ASP B 277 4.28 25.19 -13.46
CA ASP B 277 4.84 24.92 -14.79
C ASP B 277 4.00 25.64 -15.82
N ALA B 278 2.69 25.42 -15.79
CA ALA B 278 1.80 26.09 -16.73
C ALA B 278 1.94 27.62 -16.65
N ILE B 279 2.14 28.16 -15.47
CA ILE B 279 2.30 29.59 -15.32
C ILE B 279 3.53 30.03 -16.06
N GLN B 280 4.60 29.26 -15.92
CA GLN B 280 5.85 29.61 -16.56
C GLN B 280 5.84 29.41 -18.06
N LYS B 281 5.12 28.42 -18.57
CA LYS B 281 4.87 28.29 -20.02
C LYS B 281 4.06 29.45 -20.63
N GLY B 282 3.24 30.11 -19.81
CA GLY B 282 2.39 31.20 -20.26
C GLY B 282 0.95 30.76 -20.30
N ASP B 283 0.70 29.45 -20.24
CA ASP B 283 -0.63 28.88 -20.38
C ASP B 283 -1.60 29.39 -19.34
N LEU B 284 -1.13 29.47 -18.10
CA LEU B 284 -1.99 29.94 -17.03
C LEU B 284 -1.65 31.40 -16.78
N ASP B 285 -2.65 32.22 -16.61
CA ASP B 285 -2.41 33.65 -16.45
C ASP B 285 -2.07 33.96 -15.03
N ILE B 286 -2.72 33.27 -14.11
CA ILE B 286 -2.61 33.63 -12.71
C ILE B 286 -2.96 32.46 -11.80
N THR B 287 -2.47 32.52 -10.57
CA THR B 287 -2.93 31.57 -9.59
C THR B 287 -2.78 32.09 -8.18
N VAL B 288 -3.53 31.48 -7.28
CA VAL B 288 -3.30 31.69 -5.87
C VAL B 288 -2.53 30.48 -5.32
N MET B 289 -1.28 30.73 -4.95
CA MET B 289 -0.34 29.67 -4.58
C MET B 289 -0.34 29.53 -3.10
N ARG B 290 -0.60 28.34 -2.62
CA ARG B 290 -0.60 28.17 -1.19
C ARG B 290 0.76 27.67 -0.69
N MET B 291 1.15 28.06 0.53
CA MET B 291 2.43 27.65 1.07
C MET B 291 2.30 26.24 1.57
N ASN B 292 2.34 25.31 0.61
CA ASN B 292 1.72 24.00 0.77
C ASN B 292 2.05 23.35 2.10
N ASP B 293 3.33 23.19 2.38
CA ASP B 293 3.75 22.27 3.41
C ASP B 293 3.35 22.70 4.82
N ASP B 294 2.90 23.94 4.97
CA ASP B 294 2.52 24.44 6.28
C ASP B 294 1.40 23.62 6.90
N THR B 295 0.51 23.07 6.08
CA THR B 295 -0.60 22.28 6.58
C THR B 295 -0.18 20.88 7.05
N GLY B 296 0.68 20.18 6.33
CA GLY B 296 1.15 18.88 6.79
C GLY B 296 1.90 19.03 8.11
N ILE B 297 2.75 20.05 8.16
CA ILE B 297 3.52 20.33 9.36
C ILE B 297 2.62 20.64 10.55
N ALA B 298 1.54 21.35 10.29
CA ALA B 298 0.58 21.73 11.31
C ALA B 298 -0.14 20.53 11.84
N MET B 299 -0.46 19.59 10.96
CA MET B 299 -1.00 18.32 11.41
C MET B 299 -0.08 17.58 12.40
N ALA B 300 1.21 17.49 12.09
CA ALA B 300 2.14 16.83 12.99
C ALA B 300 2.18 17.59 14.33
N GLU B 301 2.32 18.90 14.26
CA GLU B 301 2.38 19.69 15.49
C GLU B 301 1.13 19.50 16.34
N ALA B 302 -0.01 19.39 15.66
CA ALA B 302 -1.27 19.23 16.37
C ALA B 302 -1.19 17.94 17.17
N ILE B 303 -0.74 16.89 16.49
CA ILE B 303 -0.73 15.57 17.09
C ILE B 303 0.23 15.55 18.26
N LYS B 304 1.35 16.23 18.10
CA LYS B 304 2.34 16.33 19.16
C LYS B 304 1.71 16.93 20.43
N TRP B 305 1.12 18.12 20.30
CA TRP B 305 0.46 18.77 21.43
C TRP B 305 -0.60 17.89 22.05
N ASP B 306 -1.26 17.11 21.22
CA ASP B 306 -2.29 16.21 21.74
C ASP B 306 -1.67 15.11 22.63
N LEU B 307 -0.53 14.57 22.17
CA LEU B 307 0.25 13.58 22.90
C LEU B 307 0.88 14.15 24.18
N GLU B 308 1.33 15.41 24.10
CA GLU B 308 1.81 16.19 25.24
C GLU B 308 0.66 16.69 26.12
N ASP B 309 -0.56 16.27 25.81
CA ASP B 309 -1.72 16.69 26.58
C ASP B 309 -1.89 18.21 26.63
N LYS B 310 -1.32 18.89 25.64
CA LYS B 310 -1.59 20.30 25.40
C LYS B 310 -2.89 20.50 24.60
N PRO B 311 -3.54 21.65 24.77
CA PRO B 311 -4.81 21.92 24.09
C PRO B 311 -4.59 22.23 22.60
N VAL B 312 -5.49 21.75 21.74
CA VAL B 312 -5.30 21.85 20.29
C VAL B 312 -6.34 22.75 19.59
N PRO B 313 -5.89 23.61 18.66
CA PRO B 313 -6.85 24.42 17.91
C PRO B 313 -7.80 23.58 17.09
N THR B 314 -9.03 24.05 16.99
CA THR B 314 -10.04 23.45 16.11
C THR B 314 -9.77 23.66 14.59
N VAL B 315 -9.25 24.83 14.23
CA VAL B 315 -8.94 25.12 12.84
C VAL B 315 -7.56 25.66 12.67
N TYR B 316 -6.97 25.31 11.53
CA TYR B 316 -5.77 25.98 11.05
C TYR B 316 -5.81 26.21 9.54
N SER B 317 -5.57 27.46 9.16
CA SER B 317 -5.35 27.85 7.78
C SER B 317 -3.93 28.36 7.48
N GLY B 318 -3.32 27.76 6.47
CA GLY B 318 -2.05 28.21 5.96
C GLY B 318 -2.28 29.42 5.09
N ASP B 319 -1.18 29.97 4.60
CA ASP B 319 -1.24 31.23 3.89
C ASP B 319 -1.05 31.09 2.40
N PHE B 320 -1.33 32.20 1.73
CA PHE B 320 -1.36 32.30 0.27
C PHE B 320 -0.44 33.39 -0.25
N GLU B 321 0.06 33.17 -1.46
CA GLU B 321 0.74 34.19 -2.26
C GLU B 321 0.15 34.15 -3.64
N ILE B 322 -0.01 35.30 -4.27
CA ILE B 322 -0.54 35.36 -5.63
C ILE B 322 0.62 35.20 -6.60
N VAL B 323 0.35 34.53 -7.74
CA VAL B 323 1.37 34.41 -8.78
C VAL B 323 0.77 34.69 -10.15
N THR B 324 1.48 35.48 -10.93
CA THR B 324 1.09 35.86 -12.29
C THR B 324 2.19 35.38 -13.20
N LYS B 325 1.95 35.40 -14.50
CA LYS B 325 2.95 34.95 -15.46
C LYS B 325 3.98 36.02 -15.80
N ALA B 326 3.82 37.19 -15.18
CA ALA B 326 4.84 38.23 -15.23
C ALA B 326 5.75 38.15 -14.02
N ASP B 327 5.54 37.16 -13.15
CA ASP B 327 6.46 36.93 -12.05
C ASP B 327 7.76 36.29 -12.58
N SER B 328 8.90 36.63 -11.97
CA SER B 328 10.19 36.20 -12.49
C SER B 328 10.54 34.83 -11.96
N PRO B 329 11.43 34.12 -12.65
CA PRO B 329 11.83 32.77 -12.23
C PRO B 329 12.42 32.83 -10.84
N GLU B 330 13.10 33.93 -10.53
CA GLU B 330 13.69 34.13 -9.21
C GLU B 330 12.60 34.08 -8.13
N ARG B 331 11.52 34.81 -8.38
CA ARG B 331 10.42 34.85 -7.42
C ARG B 331 9.77 33.49 -7.30
N ILE B 332 9.57 32.85 -8.43
CA ILE B 332 8.86 31.59 -8.46
C ILE B 332 9.65 30.62 -7.62
N GLU B 333 10.95 30.59 -7.90
CA GLU B 333 11.86 29.71 -7.21
C GLU B 333 11.84 30.03 -5.69
N ALA B 334 11.84 31.30 -5.32
CA ALA B 334 11.71 31.65 -3.90
C ALA B 334 10.43 31.09 -3.29
N LEU B 335 9.30 31.22 -3.99
CA LEU B 335 8.05 30.68 -3.46
C LEU B 335 8.11 29.16 -3.29
N LYS B 336 8.67 28.46 -4.27
CA LYS B 336 8.83 27.01 -4.14
C LYS B 336 9.64 26.60 -2.90
N LYS B 337 10.59 27.43 -2.46
CA LYS B 337 11.43 27.06 -1.32
C LYS B 337 10.72 27.24 -0.01
N ARG B 338 9.76 28.17 0.05
CA ARG B 338 8.89 28.28 1.21
C ARG B 338 7.83 27.20 1.17
N ALA B 339 7.20 27.03 0.02
CA ALA B 339 6.05 26.16 -0.08
C ALA B 339 6.40 24.69 0.01
N PHE B 340 7.45 24.27 -0.67
CA PHE B 340 7.80 22.84 -0.72
C PHE B 340 9.07 22.57 0.08
N ARG B 341 9.20 23.24 1.22
CA ARG B 341 10.42 23.17 2.01
C ARG B 341 10.67 21.74 2.47
N TYR B 342 9.61 21.04 2.84
CA TYR B 342 9.71 19.64 3.23
C TYR B 342 9.52 18.68 2.04
N SER B 343 8.43 18.87 1.29
CA SER B 343 7.97 17.94 0.26
C SER B 343 8.81 17.91 -1.03
N ASP B 344 9.66 18.92 -1.25
CA ASP B 344 10.69 18.85 -2.29
C ASP B 344 12.04 18.45 -1.67
N ASN B 345 12.12 18.74 -0.38
CA ASN B 345 13.29 18.55 0.51
C ASN B 345 14.33 19.66 0.20
O13 A2B C . 5.14 -22.35 -0.46
C8 A2B C . 2.64 -23.15 -2.90
O1 A2B C . 1.81 -24.24 -2.72
C7 A2B C . 3.10 -23.09 -4.27
O12 A2B C . 3.22 -21.75 -4.59
C6 A2B C . 4.40 -23.70 -4.27
O5 A2B C . 4.91 -23.62 -2.95
C4 A2B C . 3.81 -23.34 -2.12
C11 A2B C . 4.14 -22.11 -1.38
O3 A2B C . 3.58 -24.43 -1.28
B A2B C . 2.26 -24.91 -1.59
O10 A2B C . 2.24 -26.32 -1.89
O9 A2B C . 1.44 -24.61 -0.46
O13 A2B D . -6.84 21.25 -1.87
C8 A2B D . -7.61 20.15 -5.24
O1 A2B D . -7.35 20.85 -6.39
C7 A2B D . -8.94 19.55 -5.26
O12 A2B D . -8.85 18.33 -4.61
C6 A2B D . -9.80 20.40 -4.46
O5 A2B D . -8.94 21.30 -3.75
C4 A2B D . -7.60 21.04 -4.12
C11 A2B D . -6.88 20.44 -2.98
O3 A2B D . -6.99 22.23 -4.54
B A2B D . -6.79 22.08 -5.98
O10 A2B D . -7.50 23.11 -6.71
O9 A2B D . -5.37 22.21 -6.27
#